data_7PRR
#
_entry.id   7PRR
#
_cell.length_a   62.288
_cell.length_b   102.650
_cell.length_c   104.848
_cell.angle_alpha   90.000
_cell.angle_beta   90.000
_cell.angle_gamma   90.000
#
_symmetry.space_group_name_H-M   'P 21 21 21'
#
loop_
_entity.id
_entity.type
_entity.pdbx_description
1 polymer 'Probable chemotaxis transducer'
2 non-polymer 'TRIETHYLENE GLYCOL'
3 non-polymer ACETYLCHOLINE
4 non-polymer 'CALCIUM ION'
5 non-polymer DI(HYDROXYETHYL)ETHER
6 water water
#
_entity_poly.entity_id   1
_entity_poly.type   'polypeptide(L)'
_entity_poly.pdbx_seq_one_letter_code
;MGSSHHHHHHSGLVPRGSHMAGARTQELVQQRTQGLLEKVINERLVALARAQVSQIQRELEYPLTVVHGLANSTRLLGEP
GADGMPQLNASRDEISALLRSTVQNNPKLLDTFMAWEPNAFDTDAAFAGQPGKGYGPDGRYLPWWYRGADGKPIVEAMAD
SIDSEKLLPTGVRENEFYACPKENKRPCIIDPAPYEMGGKTVMMSSFNVPIMVGDQFRGAVGADLSLAFIQDLLKRADQQ
LYDGAGEMALIASNGRLVAYTRDDSKLGEPAGSVLDGNEVDNLKNLTVDQPLYDIDAEHGHIELFLPFTIADSGVRWTLM
LQIPQAAVFGELQQLQGELSDQRQQDILGM
;
_entity_poly.pdbx_strand_id   A,B
#
loop_
_chem_comp.id
_chem_comp.type
_chem_comp.name
_chem_comp.formula
ACH non-polymer ACETYLCHOLINE 'C7 H16 N O2 1'
CA non-polymer 'CALCIUM ION' 'Ca 2'
PEG non-polymer DI(HYDROXYETHYL)ETHER 'C4 H10 O3'
PGE non-polymer 'TRIETHYLENE GLYCOL' 'C6 H14 O4'
#
# COMPACT_ATOMS: atom_id res chain seq x y z
N GLY A 35 31.87 -17.84 7.48
CA GLY A 35 32.77 -16.70 7.39
C GLY A 35 32.10 -15.36 7.70
N LEU A 36 32.88 -14.46 8.31
CA LEU A 36 32.33 -13.17 8.73
C LEU A 36 32.04 -12.28 7.54
N LEU A 37 32.93 -12.28 6.55
CA LEU A 37 32.69 -11.46 5.37
C LEU A 37 31.52 -12.00 4.57
N GLU A 38 31.44 -13.32 4.42
CA GLU A 38 30.28 -13.93 3.77
CA GLU A 38 30.28 -13.91 3.76
C GLU A 38 28.98 -13.48 4.44
N LYS A 39 29.01 -13.36 5.77
CA LYS A 39 27.79 -13.00 6.49
C LYS A 39 27.37 -11.57 6.18
N VAL A 40 28.32 -10.64 6.10
CA VAL A 40 27.99 -9.26 5.76
C VAL A 40 27.39 -9.17 4.35
N ILE A 41 27.94 -9.95 3.42
CA ILE A 41 27.40 -9.94 2.06
C ILE A 41 26.00 -10.53 2.06
N ASN A 42 25.81 -11.66 2.73
CA ASN A 42 24.50 -12.31 2.74
C ASN A 42 23.46 -11.46 3.45
N GLU A 43 23.84 -10.68 4.46
CA GLU A 43 22.85 -9.79 5.09
C GLU A 43 22.41 -8.70 4.13
N ARG A 44 23.33 -8.22 3.30
CA ARG A 44 22.92 -7.25 2.27
C ARG A 44 21.92 -7.90 1.33
N LEU A 45 22.20 -9.13 0.88
CA LEU A 45 21.29 -9.81 -0.03
C LEU A 45 19.89 -9.97 0.55
N VAL A 46 19.81 -10.44 1.81
CA VAL A 46 18.49 -10.63 2.42
C VAL A 46 17.75 -9.30 2.51
N ALA A 47 18.45 -8.23 2.86
CA ALA A 47 17.78 -6.95 3.00
C ALA A 47 17.26 -6.46 1.67
N LEU A 48 18.04 -6.66 0.61
CA LEU A 48 17.59 -6.32 -0.74
C LEU A 48 16.37 -7.15 -1.14
N ALA A 49 16.37 -8.44 -0.83
CA ALA A 49 15.22 -9.29 -1.12
C ALA A 49 13.98 -8.84 -0.35
N ARG A 50 14.16 -8.45 0.92
CA ARG A 50 13.01 -8.03 1.72
C ARG A 50 12.36 -6.79 1.16
N ALA A 51 13.17 -5.86 0.62
CA ALA A 51 12.62 -4.68 -0.02
C ALA A 51 11.85 -5.04 -1.28
N GLN A 52 12.34 -6.02 -2.05
CA GLN A 52 11.58 -6.47 -3.22
C GLN A 52 10.21 -7.03 -2.80
N VAL A 53 10.16 -7.75 -1.67
CA VAL A 53 8.90 -8.27 -1.16
C VAL A 53 7.95 -7.15 -0.75
N SER A 54 8.43 -6.16 0.02
CA SER A 54 7.54 -5.11 0.44
C SER A 54 7.10 -4.23 -0.71
N GLN A 55 7.91 -4.15 -1.77
CA GLN A 55 7.49 -3.43 -2.96
C GLN A 55 6.37 -4.18 -3.66
N ILE A 56 6.50 -5.51 -3.73
CA ILE A 56 5.43 -6.31 -4.34
C ILE A 56 4.17 -6.28 -3.49
N GLN A 57 4.31 -6.34 -2.16
CA GLN A 57 3.13 -6.25 -1.30
C GLN A 57 2.37 -4.93 -1.52
N ARG A 58 3.09 -3.82 -1.68
CA ARG A 58 2.40 -2.56 -1.96
C ARG A 58 1.57 -2.67 -3.23
N GLU A 59 2.09 -3.35 -4.25
CA GLU A 59 1.36 -3.50 -5.51
CA GLU A 59 1.35 -3.49 -5.50
C GLU A 59 0.14 -4.39 -5.33
N LEU A 60 0.26 -5.47 -4.54
CA LEU A 60 -0.80 -6.48 -4.46
C LEU A 60 -1.83 -6.18 -3.39
N GLU A 61 -1.45 -5.41 -2.35
CA GLU A 61 -2.39 -5.04 -1.30
C GLU A 61 -3.29 -3.90 -1.73
N TYR A 62 -2.84 -3.11 -2.70
CA TYR A 62 -3.61 -1.96 -3.17
C TYR A 62 -4.96 -2.33 -3.75
N PRO A 63 -5.08 -3.26 -4.69
CA PRO A 63 -6.42 -3.61 -5.18
C PRO A 63 -7.36 -4.11 -4.08
N LEU A 64 -6.84 -4.88 -3.13
CA LEU A 64 -7.68 -5.36 -2.03
CA LEU A 64 -7.68 -5.36 -2.03
C LEU A 64 -8.27 -4.21 -1.22
N THR A 65 -7.46 -3.19 -0.92
CA THR A 65 -8.04 -2.05 -0.20
C THR A 65 -9.03 -1.26 -1.05
N VAL A 66 -8.77 -1.15 -2.36
CA VAL A 66 -9.75 -0.50 -3.22
C VAL A 66 -11.11 -1.20 -3.15
N VAL A 67 -11.11 -2.52 -3.32
CA VAL A 67 -12.41 -3.20 -3.39
C VAL A 67 -13.03 -3.33 -2.01
N HIS A 68 -12.23 -3.35 -0.93
CA HIS A 68 -12.79 -3.24 0.42
C HIS A 68 -13.61 -1.95 0.55
N GLY A 69 -13.08 -0.86 0.01
CA GLY A 69 -13.83 0.39 0.03
C GLY A 69 -15.16 0.29 -0.66
N LEU A 70 -15.20 -0.35 -1.84
CA LEU A 70 -16.44 -0.52 -2.57
C LEU A 70 -17.42 -1.44 -1.83
N ALA A 71 -16.91 -2.52 -1.21
CA ALA A 71 -17.77 -3.39 -0.43
C ALA A 71 -18.31 -2.66 0.79
N ASN A 72 -17.48 -1.83 1.44
CA ASN A 72 -17.94 -1.13 2.63
C ASN A 72 -18.96 -0.06 2.31
N SER A 73 -18.95 0.45 1.08
CA SER A 73 -19.98 1.38 0.61
C SER A 73 -21.24 0.63 0.15
N THR A 74 -21.06 -0.41 -0.65
CA THR A 74 -22.23 -1.05 -1.26
C THR A 74 -23.09 -1.76 -0.23
N ARG A 75 -22.49 -2.30 0.84
N ARG A 75 -22.46 -2.34 0.80
CA ARG A 75 -23.28 -2.98 1.84
CA ARG A 75 -23.11 -2.85 1.99
C ARG A 75 -24.29 -2.04 2.49
C ARG A 75 -24.32 -2.02 2.39
N LEU A 76 -24.11 -0.71 2.36
CA LEU A 76 -25.05 0.21 2.98
C LEU A 76 -26.38 0.21 2.27
N LEU A 77 -26.43 -0.35 1.05
CA LEU A 77 -27.74 -0.60 0.42
C LEU A 77 -28.62 -1.47 1.28
N GLY A 78 -28.02 -2.39 2.05
CA GLY A 78 -28.76 -3.36 2.85
C GLY A 78 -28.79 -3.07 4.34
N GLU A 79 -28.30 -1.91 4.80
CA GLU A 79 -28.20 -1.61 6.23
C GLU A 79 -29.11 -0.44 6.58
N PRO A 80 -30.07 -0.61 7.48
CA PRO A 80 -31.00 0.49 7.77
C PRO A 80 -30.32 1.56 8.61
N GLY A 81 -30.86 2.77 8.47
CA GLY A 81 -30.44 3.92 9.26
C GLY A 81 -31.44 4.30 10.33
N ALA A 82 -31.31 5.55 10.83
CA ALA A 82 -32.10 5.98 11.97
C ALA A 82 -33.56 6.17 11.62
N ASP A 83 -33.89 6.28 10.34
CA ASP A 83 -35.27 6.36 9.89
C ASP A 83 -35.78 5.02 9.36
N GLY A 84 -35.00 3.95 9.52
CA GLY A 84 -35.41 2.63 9.09
C GLY A 84 -35.26 2.40 7.62
N MET A 85 -34.78 3.38 6.88
CA MET A 85 -34.54 3.19 5.43
C MET A 85 -33.08 2.93 5.18
N PRO A 86 -32.72 2.43 3.99
CA PRO A 86 -31.31 2.10 3.74
C PRO A 86 -30.42 3.34 3.91
N GLN A 87 -29.24 3.10 4.44
CA GLN A 87 -28.26 4.18 4.64
C GLN A 87 -27.74 4.72 3.31
N LEU A 88 -27.70 3.88 2.28
CA LEU A 88 -27.36 4.27 0.91
C LEU A 88 -28.53 3.86 0.03
N ASN A 89 -29.23 4.83 -0.55
N ASN A 89 -29.18 4.84 -0.59
CA ASN A 89 -30.33 4.48 -1.45
CA ASN A 89 -30.34 4.63 -1.47
C ASN A 89 -29.90 4.78 -2.88
C ASN A 89 -29.95 4.74 -2.95
N ALA A 90 -28.83 4.15 -3.32
CA ALA A 90 -28.29 4.34 -4.65
C ALA A 90 -28.93 3.37 -5.65
N SER A 91 -29.11 3.84 -6.86
CA SER A 91 -29.60 3.01 -7.95
C SER A 91 -28.46 2.15 -8.50
N ARG A 92 -28.83 1.13 -9.28
CA ARG A 92 -27.80 0.37 -9.99
C ARG A 92 -26.93 1.27 -10.84
N ASP A 93 -27.52 2.29 -11.46
CA ASP A 93 -26.72 3.21 -12.27
C ASP A 93 -25.68 3.94 -11.43
N GLU A 94 -26.02 4.23 -10.18
CA GLU A 94 -25.11 4.92 -9.29
C GLU A 94 -24.02 3.99 -8.80
N ILE A 95 -24.36 2.74 -8.47
CA ILE A 95 -23.34 1.78 -8.07
C ILE A 95 -22.36 1.59 -9.23
N SER A 96 -22.89 1.37 -10.44
CA SER A 96 -22.01 1.25 -11.61
C SER A 96 -21.16 2.49 -11.79
N ALA A 97 -21.71 3.69 -11.48
CA ALA A 97 -20.87 4.90 -11.54
C ALA A 97 -19.67 4.81 -10.61
N LEU A 98 -19.88 4.30 -9.39
CA LEU A 98 -18.77 4.09 -8.48
C LEU A 98 -17.73 3.14 -9.09
N LEU A 99 -18.21 2.03 -9.71
CA LEU A 99 -17.29 1.08 -10.33
C LEU A 99 -16.52 1.71 -11.50
N ARG A 100 -17.23 2.42 -12.37
CA ARG A 100 -16.59 3.07 -13.51
C ARG A 100 -15.61 4.13 -13.06
N SER A 101 -15.96 4.88 -12.01
CA SER A 101 -15.04 5.88 -11.47
C SER A 101 -13.78 5.23 -10.91
N THR A 102 -13.92 4.04 -10.33
CA THR A 102 -12.74 3.31 -9.87
C THR A 102 -11.80 3.01 -11.03
N VAL A 103 -12.33 2.41 -12.13
CA VAL A 103 -11.53 2.16 -13.32
C VAL A 103 -10.89 3.46 -13.81
N GLN A 104 -11.70 4.50 -13.94
CA GLN A 104 -11.23 5.76 -14.52
C GLN A 104 -10.05 6.34 -13.76
N ASN A 105 -10.10 6.28 -12.44
CA ASN A 105 -9.15 7.01 -11.59
C ASN A 105 -8.12 6.09 -10.94
N ASN A 106 -8.08 4.82 -11.31
CA ASN A 106 -7.08 3.86 -10.86
C ASN A 106 -6.45 3.21 -12.09
N PRO A 107 -5.62 3.95 -12.82
CA PRO A 107 -5.05 3.41 -14.07
C PRO A 107 -4.27 2.11 -13.91
N LYS A 108 -3.76 1.80 -12.71
CA LYS A 108 -2.99 0.59 -12.53
C LYS A 108 -3.89 -0.63 -12.52
N LEU A 109 -5.16 -0.46 -12.11
CA LEU A 109 -6.08 -1.60 -12.10
C LEU A 109 -6.52 -1.93 -13.50
N LEU A 110 -6.62 -3.23 -13.80
CA LEU A 110 -7.14 -3.64 -15.11
C LEU A 110 -8.63 -3.33 -15.24
N ASP A 111 -9.38 -3.45 -14.16
CA ASP A 111 -10.84 -3.40 -14.22
C ASP A 111 -11.38 -3.16 -12.81
N THR A 112 -12.70 -3.20 -12.71
CA THR A 112 -13.41 -3.33 -11.43
C THR A 112 -14.70 -4.06 -11.75
N PHE A 113 -15.11 -4.96 -10.89
CA PHE A 113 -16.34 -5.72 -11.16
C PHE A 113 -17.06 -6.08 -9.89
N MET A 114 -18.36 -6.37 -10.02
CA MET A 114 -19.19 -6.65 -8.85
C MET A 114 -20.31 -7.57 -9.29
N ALA A 115 -20.71 -8.45 -8.39
CA ALA A 115 -21.76 -9.44 -8.67
C ALA A 115 -22.61 -9.51 -7.41
N TRP A 116 -23.90 -9.31 -7.57
CA TRP A 116 -24.84 -9.54 -6.47
C TRP A 116 -25.43 -10.96 -6.55
N GLU A 117 -25.74 -11.50 -5.39
CA GLU A 117 -26.61 -12.66 -5.32
C GLU A 117 -27.97 -12.36 -5.97
N PRO A 118 -28.68 -13.39 -6.43
CA PRO A 118 -30.04 -13.17 -6.94
C PRO A 118 -30.90 -12.38 -5.96
N ASN A 119 -31.43 -11.23 -6.39
CA ASN A 119 -32.33 -10.40 -5.58
C ASN A 119 -31.70 -9.96 -4.26
N ALA A 120 -30.38 -9.74 -4.26
CA ALA A 120 -29.67 -9.39 -3.01
C ALA A 120 -30.10 -8.02 -2.47
N PHE A 121 -30.29 -7.04 -3.34
CA PHE A 121 -30.60 -5.69 -2.89
C PHE A 121 -31.79 -5.09 -3.60
N ASP A 122 -32.36 -5.78 -4.57
CA ASP A 122 -33.56 -5.32 -5.30
C ASP A 122 -34.14 -6.55 -5.98
N THR A 123 -35.13 -6.35 -6.85
CA THR A 123 -35.79 -7.45 -7.54
C THR A 123 -35.24 -7.60 -8.96
N ASP A 124 -34.47 -8.66 -9.17
CA ASP A 124 -33.82 -8.89 -10.46
C ASP A 124 -34.80 -8.83 -11.61
N ALA A 125 -36.01 -9.39 -11.44
CA ALA A 125 -36.99 -9.45 -12.52
C ALA A 125 -37.29 -8.08 -13.10
N ALA A 126 -37.23 -7.02 -12.31
CA ALA A 126 -37.44 -5.69 -12.84
C ALA A 126 -36.36 -5.27 -13.83
N PHE A 127 -35.24 -5.97 -13.88
CA PHE A 127 -34.09 -5.61 -14.70
C PHE A 127 -33.80 -6.65 -15.79
N ALA A 128 -34.68 -7.63 -15.94
CA ALA A 128 -34.42 -8.68 -16.91
C ALA A 128 -34.61 -8.13 -18.33
N GLY A 129 -33.84 -8.68 -19.27
CA GLY A 129 -33.96 -8.25 -20.66
C GLY A 129 -33.41 -6.89 -20.99
N GLN A 130 -32.51 -6.36 -20.16
CA GLN A 130 -31.87 -5.07 -20.35
C GLN A 130 -30.38 -5.31 -20.56
N PRO A 131 -29.91 -5.45 -21.81
CA PRO A 131 -28.50 -5.77 -22.03
C PRO A 131 -27.64 -4.51 -22.12
N GLY A 132 -26.33 -4.72 -21.95
CA GLY A 132 -25.36 -3.65 -22.06
C GLY A 132 -25.24 -2.77 -20.84
N LYS A 133 -25.81 -3.19 -19.71
CA LYS A 133 -25.71 -2.52 -18.42
C LYS A 133 -24.99 -3.36 -17.40
N GLY A 134 -24.40 -4.47 -17.81
CA GLY A 134 -23.79 -5.36 -16.84
C GLY A 134 -24.77 -6.25 -16.11
N TYR A 135 -26.02 -6.36 -16.60
CA TYR A 135 -26.97 -7.28 -15.99
C TYR A 135 -26.96 -8.62 -16.74
N GLY A 136 -27.19 -9.71 -16.01
CA GLY A 136 -27.49 -10.97 -16.68
C GLY A 136 -28.85 -10.95 -17.34
N PRO A 137 -29.12 -11.94 -18.16
CA PRO A 137 -30.42 -11.95 -18.86
C PRO A 137 -31.60 -11.97 -17.91
N ASP A 138 -31.47 -12.59 -16.74
CA ASP A 138 -32.53 -12.65 -15.75
C ASP A 138 -32.57 -11.42 -14.83
N GLY A 139 -31.75 -10.41 -15.10
CA GLY A 139 -31.73 -9.20 -14.31
C GLY A 139 -30.70 -9.15 -13.20
N ARG A 140 -29.98 -10.23 -12.95
CA ARG A 140 -28.97 -10.24 -11.89
C ARG A 140 -27.87 -9.21 -12.15
N TYR A 141 -27.49 -8.47 -11.10
CA TYR A 141 -26.47 -7.41 -11.23
C TYR A 141 -25.07 -8.01 -11.28
N LEU A 142 -24.40 -7.95 -12.46
CA LEU A 142 -23.13 -8.64 -12.66
C LEU A 142 -22.13 -7.85 -13.49
N PRO A 143 -21.95 -6.56 -13.22
CA PRO A 143 -21.10 -5.74 -14.12
C PRO A 143 -19.61 -5.96 -13.96
N TRP A 144 -18.93 -6.01 -15.10
CA TRP A 144 -17.49 -6.04 -15.22
C TRP A 144 -17.09 -4.80 -16.03
N TRP A 145 -16.51 -3.79 -15.34
CA TRP A 145 -16.09 -2.55 -15.98
C TRP A 145 -14.61 -2.58 -16.33
N TYR A 146 -14.27 -2.27 -17.57
CA TYR A 146 -12.87 -2.12 -17.97
C TYR A 146 -12.77 -1.12 -19.11
N ARG A 147 -11.57 -0.96 -19.65
CA ARG A 147 -11.27 0.09 -20.60
C ARG A 147 -11.31 -0.44 -22.04
N GLY A 148 -12.03 0.26 -22.90
CA GLY A 148 -12.01 -0.05 -24.32
C GLY A 148 -10.73 0.46 -24.98
N ALA A 149 -10.72 0.37 -26.32
CA ALA A 149 -9.54 0.78 -27.07
C ALA A 149 -9.17 2.23 -26.81
N ASP A 150 -10.16 3.12 -26.76
CA ASP A 150 -9.90 4.54 -26.53
C ASP A 150 -9.66 4.87 -25.07
N GLY A 151 -9.58 3.89 -24.19
CA GLY A 151 -9.45 4.14 -22.77
C GLY A 151 -10.73 4.44 -22.04
N LYS A 152 -11.84 4.62 -22.75
CA LYS A 152 -13.12 4.90 -22.10
CA LYS A 152 -13.07 4.91 -22.04
C LYS A 152 -13.67 3.63 -21.46
N PRO A 153 -14.28 3.71 -20.28
CA PRO A 153 -14.79 2.50 -19.63
C PRO A 153 -16.01 1.94 -20.34
N ILE A 154 -16.06 0.62 -20.43
CA ILE A 154 -17.18 -0.13 -21.01
C ILE A 154 -17.55 -1.24 -20.04
N VAL A 155 -18.75 -1.82 -20.22
CA VAL A 155 -19.23 -2.78 -19.24
C VAL A 155 -19.71 -4.04 -19.93
N GLU A 156 -19.44 -5.18 -19.29
CA GLU A 156 -19.85 -6.50 -19.74
CA GLU A 156 -19.83 -6.51 -19.74
C GLU A 156 -20.49 -7.22 -18.57
N ALA A 157 -21.58 -7.93 -18.82
CA ALA A 157 -22.21 -8.68 -17.73
C ALA A 157 -21.45 -10.01 -17.58
N MET A 158 -21.19 -10.44 -16.36
CA MET A 158 -20.44 -11.67 -16.07
C MET A 158 -21.36 -12.88 -15.98
N ALA A 159 -22.46 -12.90 -16.73
CA ALA A 159 -23.40 -14.01 -16.67
C ALA A 159 -22.75 -15.31 -17.10
N ASP A 160 -21.83 -15.22 -18.09
CA ASP A 160 -21.21 -16.40 -18.67
C ASP A 160 -20.25 -17.06 -17.69
N SER A 161 -19.54 -16.26 -16.89
CA SER A 161 -18.49 -16.81 -16.03
CA SER A 161 -18.48 -16.75 -16.01
C SER A 161 -18.95 -17.06 -14.60
N ILE A 162 -19.99 -16.37 -14.14
CA ILE A 162 -20.30 -16.36 -12.71
C ILE A 162 -20.71 -17.73 -12.21
N ASP A 163 -21.31 -18.54 -13.07
CA ASP A 163 -21.75 -19.88 -12.72
C ASP A 163 -20.98 -20.94 -13.50
N SER A 164 -19.91 -20.58 -14.18
CA SER A 164 -19.19 -21.51 -15.03
C SER A 164 -18.26 -22.39 -14.21
N GLU A 165 -18.35 -23.71 -14.43
CA GLU A 165 -17.42 -24.67 -13.83
C GLU A 165 -16.28 -25.04 -14.79
N LYS A 166 -16.08 -24.27 -15.83
CA LYS A 166 -15.03 -24.57 -16.80
CA LYS A 166 -15.03 -24.56 -16.79
C LYS A 166 -13.66 -24.46 -16.14
N LEU A 167 -12.80 -25.44 -16.41
CA LEU A 167 -11.43 -25.42 -15.90
C LEU A 167 -10.56 -24.67 -16.89
N LEU A 168 -10.03 -23.51 -16.48
CA LEU A 168 -9.15 -22.77 -17.39
C LEU A 168 -7.77 -23.44 -17.42
N PRO A 169 -6.98 -23.21 -18.47
CA PRO A 169 -5.73 -24.00 -18.63
C PRO A 169 -4.67 -23.69 -17.57
N THR A 170 -4.87 -22.67 -16.72
CA THR A 170 -3.95 -22.43 -15.63
C THR A 170 -4.37 -23.09 -14.33
N GLY A 171 -5.31 -24.04 -14.38
CA GLY A 171 -5.66 -24.73 -13.16
C GLY A 171 -6.63 -24.01 -12.26
N VAL A 172 -7.37 -23.04 -12.78
CA VAL A 172 -8.31 -22.22 -12.04
C VAL A 172 -9.69 -22.38 -12.68
N ARG A 173 -10.71 -22.58 -11.85
CA ARG A 173 -12.07 -22.62 -12.38
C ARG A 173 -12.54 -21.22 -12.75
N GLU A 174 -13.36 -21.14 -13.79
CA GLU A 174 -13.75 -19.84 -14.31
C GLU A 174 -14.52 -19.00 -13.30
N ASN A 175 -15.28 -19.65 -12.41
CA ASN A 175 -16.10 -18.92 -11.46
C ASN A 175 -15.43 -18.66 -10.09
N GLU A 176 -14.20 -19.12 -10.01
CA GLU A 176 -13.60 -18.99 -8.57
CA GLU A 176 -13.46 -18.96 -8.74
C GLU A 176 -13.50 -17.59 -7.97
N PHE A 177 -13.47 -16.54 -8.79
CA PHE A 177 -13.48 -15.18 -8.26
C PHE A 177 -14.71 -14.91 -7.40
N TYR A 178 -15.82 -15.57 -7.68
CA TYR A 178 -17.07 -15.42 -6.92
C TYR A 178 -17.33 -16.58 -5.98
N ALA A 179 -17.09 -17.83 -6.43
CA ALA A 179 -17.30 -18.97 -5.56
C ALA A 179 -16.44 -18.90 -4.30
N CYS A 180 -15.18 -18.46 -4.43
CA CYS A 180 -14.32 -18.48 -3.27
C CYS A 180 -14.81 -17.52 -2.20
N PRO A 181 -15.14 -16.26 -2.49
CA PRO A 181 -15.71 -15.38 -1.45
C PRO A 181 -17.09 -15.85 -0.96
N LYS A 182 -17.92 -16.42 -1.86
CA LYS A 182 -19.22 -16.95 -1.44
C LYS A 182 -19.05 -18.08 -0.42
N GLU A 183 -18.15 -19.02 -0.70
CA GLU A 183 -18.01 -20.20 0.13
C GLU A 183 -17.29 -19.90 1.44
N ASN A 184 -16.29 -19.03 1.41
CA ASN A 184 -15.46 -18.75 2.57
C ASN A 184 -15.82 -17.47 3.30
N LYS A 185 -16.59 -16.59 2.67
CA LYS A 185 -17.07 -15.35 3.28
C LYS A 185 -15.90 -14.52 3.79
N ARG A 186 -14.81 -14.53 3.03
CA ARG A 186 -13.58 -13.81 3.33
CA ARG A 186 -13.68 -13.65 3.32
C ARG A 186 -12.98 -13.30 2.03
N PRO A 187 -12.00 -12.39 2.08
CA PRO A 187 -11.29 -12.00 0.85
C PRO A 187 -10.55 -13.16 0.22
N CYS A 188 -10.50 -13.17 -1.11
CA CYS A 188 -9.85 -14.21 -1.88
C CYS A 188 -9.00 -13.55 -2.97
N ILE A 189 -7.79 -14.05 -3.17
CA ILE A 189 -6.93 -13.67 -4.29
C ILE A 189 -6.75 -14.88 -5.20
N ILE A 190 -7.15 -14.78 -6.40
CA ILE A 190 -7.17 -15.93 -7.35
C ILE A 190 -5.86 -15.97 -8.13
N ASP A 191 -5.32 -17.18 -8.29
CA ASP A 191 -4.10 -17.39 -9.03
C ASP A 191 -4.34 -17.04 -10.50
N PRO A 192 -3.26 -16.92 -11.29
CA PRO A 192 -3.38 -16.40 -12.66
C PRO A 192 -4.35 -17.20 -13.50
N ALA A 193 -5.19 -16.49 -14.27
CA ALA A 193 -6.15 -17.16 -15.12
C ALA A 193 -6.45 -16.29 -16.34
N PRO A 194 -6.70 -16.91 -17.48
CA PRO A 194 -7.01 -16.15 -18.70
C PRO A 194 -8.50 -15.89 -18.85
N TYR A 195 -8.84 -14.65 -19.25
CA TYR A 195 -10.19 -14.29 -19.60
C TYR A 195 -10.18 -13.49 -20.90
N GLU A 196 -11.24 -13.64 -21.68
CA GLU A 196 -11.40 -12.85 -22.89
C GLU A 196 -11.82 -11.44 -22.57
N MET A 197 -11.08 -10.47 -23.09
CA MET A 197 -11.37 -9.05 -22.87
C MET A 197 -11.25 -8.32 -24.19
N GLY A 198 -12.38 -7.84 -24.71
CA GLY A 198 -12.37 -7.09 -25.97
C GLY A 198 -11.60 -7.72 -27.10
N GLY A 199 -11.80 -9.00 -27.33
CA GLY A 199 -11.20 -9.64 -28.49
C GLY A 199 -9.83 -10.25 -28.28
N LYS A 200 -9.33 -10.29 -27.06
CA LYS A 200 -8.03 -10.87 -26.79
C LYS A 200 -8.06 -11.59 -25.47
N THR A 201 -7.14 -12.53 -25.30
CA THR A 201 -7.00 -13.26 -24.05
C THR A 201 -6.06 -12.49 -23.15
N VAL A 202 -6.48 -12.26 -21.90
CA VAL A 202 -5.65 -11.53 -20.94
C VAL A 202 -5.48 -12.40 -19.72
N MET A 203 -4.23 -12.65 -19.33
CA MET A 203 -3.93 -13.36 -18.09
C MET A 203 -3.95 -12.39 -16.92
N MET A 204 -4.60 -12.79 -15.83
CA MET A 204 -4.82 -11.84 -14.71
C MET A 204 -5.06 -12.53 -13.39
N SER A 205 -4.85 -11.80 -12.31
CA SER A 205 -5.16 -12.27 -10.98
C SER A 205 -6.19 -11.33 -10.40
N SER A 206 -7.19 -11.89 -9.71
CA SER A 206 -8.31 -11.10 -9.19
C SER A 206 -8.19 -10.98 -7.68
N PHE A 207 -8.63 -9.83 -7.16
CA PHE A 207 -8.57 -9.47 -5.76
C PHE A 207 -10.01 -9.19 -5.36
N ASN A 208 -10.57 -10.05 -4.52
CA ASN A 208 -11.99 -10.13 -4.31
C ASN A 208 -12.35 -10.05 -2.83
N VAL A 209 -13.42 -9.30 -2.52
CA VAL A 209 -13.92 -9.21 -1.16
CA VAL A 209 -13.93 -9.14 -1.17
C VAL A 209 -15.42 -9.44 -1.16
N PRO A 210 -15.94 -10.15 -0.17
CA PRO A 210 -17.39 -10.37 -0.10
C PRO A 210 -18.13 -9.11 0.35
N ILE A 211 -19.35 -8.96 -0.16
CA ILE A 211 -20.28 -7.96 0.32
C ILE A 211 -21.14 -8.61 1.39
N MET A 212 -20.85 -8.30 2.63
CA MET A 212 -21.51 -8.92 3.77
C MET A 212 -22.48 -7.95 4.41
N VAL A 213 -23.72 -8.40 4.65
CA VAL A 213 -24.71 -7.68 5.46
C VAL A 213 -24.99 -8.56 6.67
N GLY A 214 -24.51 -8.16 7.82
CA GLY A 214 -24.56 -9.06 8.95
C GLY A 214 -23.70 -10.28 8.64
N ASP A 215 -24.26 -11.45 8.81
CA ASP A 215 -23.60 -12.70 8.52
C ASP A 215 -23.94 -13.22 7.14
N GLN A 216 -24.67 -12.43 6.34
CA GLN A 216 -25.20 -12.88 5.05
C GLN A 216 -24.29 -12.44 3.92
N PHE A 217 -23.91 -13.39 3.07
CA PHE A 217 -23.18 -13.08 1.83
C PHE A 217 -24.18 -12.52 0.84
N ARG A 218 -23.99 -11.27 0.39
CA ARG A 218 -24.89 -10.68 -0.59
C ARG A 218 -24.28 -10.54 -1.99
N GLY A 219 -23.02 -10.87 -2.15
CA GLY A 219 -22.34 -10.57 -3.39
C GLY A 219 -20.86 -10.42 -3.14
N ALA A 220 -20.14 -10.10 -4.21
CA ALA A 220 -18.71 -9.87 -4.09
C ALA A 220 -18.28 -8.80 -5.07
N VAL A 221 -17.16 -8.15 -4.75
CA VAL A 221 -16.61 -7.07 -5.58
C VAL A 221 -15.12 -7.32 -5.69
N GLY A 222 -14.58 -7.04 -6.87
CA GLY A 222 -13.21 -7.39 -7.16
C GLY A 222 -12.59 -6.46 -8.16
N ALA A 223 -11.26 -6.57 -8.25
CA ALA A 223 -10.50 -5.92 -9.32
C ALA A 223 -9.35 -6.84 -9.72
N ASP A 224 -9.00 -6.81 -10.99
CA ASP A 224 -7.88 -7.61 -11.49
C ASP A 224 -6.62 -6.74 -11.64
N LEU A 225 -5.47 -7.37 -11.51
CA LEU A 225 -4.23 -6.89 -12.09
C LEU A 225 -3.86 -7.81 -13.24
N SER A 226 -3.46 -7.23 -14.37
CA SER A 226 -2.91 -8.09 -15.42
C SER A 226 -1.53 -8.62 -15.02
N LEU A 227 -1.21 -9.82 -15.48
CA LEU A 227 0.13 -10.32 -15.27
C LEU A 227 1.14 -9.47 -16.01
N ALA A 228 0.73 -8.88 -17.14
CA ALA A 228 1.66 -8.03 -17.88
C ALA A 228 2.08 -6.85 -17.03
N PHE A 229 1.15 -6.30 -16.23
CA PHE A 229 1.44 -5.17 -15.34
C PHE A 229 2.43 -5.56 -14.24
N ILE A 230 2.18 -6.69 -13.58
CA ILE A 230 3.06 -7.19 -12.52
C ILE A 230 4.43 -7.53 -13.07
N GLN A 231 4.47 -8.22 -14.21
CA GLN A 231 5.73 -8.54 -14.90
C GLN A 231 6.54 -7.29 -15.22
N ASP A 232 5.93 -6.28 -15.84
CA ASP A 232 6.68 -5.08 -16.18
C ASP A 232 7.32 -4.47 -14.93
N LEU A 233 6.58 -4.43 -13.83
CA LEU A 233 7.14 -3.83 -12.60
C LEU A 233 8.28 -4.67 -12.04
N LEU A 234 8.15 -6.00 -12.11
CA LEU A 234 9.21 -6.87 -11.60
C LEU A 234 10.45 -6.75 -12.46
N LYS A 235 10.28 -6.64 -13.78
CA LYS A 235 11.42 -6.43 -14.67
C LYS A 235 12.13 -5.12 -14.33
N ARG A 236 11.37 -4.05 -14.17
CA ARG A 236 12.01 -2.77 -13.83
C ARG A 236 12.73 -2.83 -12.50
N ALA A 237 12.10 -3.48 -11.51
CA ALA A 237 12.73 -3.65 -10.21
C ALA A 237 14.01 -4.49 -10.31
N ASP A 238 14.01 -5.50 -11.19
CA ASP A 238 15.19 -6.36 -11.32
C ASP A 238 16.38 -5.58 -11.87
N GLN A 239 16.14 -4.59 -12.72
CA GLN A 239 17.23 -3.84 -13.32
C GLN A 239 18.02 -3.05 -12.29
N GLN A 240 17.43 -2.77 -11.13
CA GLN A 240 18.08 -2.06 -10.05
C GLN A 240 18.67 -3.00 -9.00
N LEU A 241 18.46 -4.30 -9.14
CA LEU A 241 18.97 -5.29 -8.21
C LEU A 241 20.28 -5.88 -8.75
N TYR A 242 21.36 -5.68 -8.01
CA TYR A 242 22.70 -6.09 -8.42
C TYR A 242 22.93 -5.75 -9.89
N ASP A 243 22.59 -4.51 -10.24
CA ASP A 243 22.81 -3.98 -11.58
C ASP A 243 22.15 -4.84 -12.66
N GLY A 244 21.06 -5.52 -12.31
CA GLY A 244 20.35 -6.38 -13.24
C GLY A 244 20.98 -7.72 -13.54
N ALA A 245 21.94 -8.14 -12.73
CA ALA A 245 22.68 -9.36 -13.04
C ALA A 245 21.79 -10.59 -13.04
N GLY A 246 20.72 -10.59 -12.25
CA GLY A 246 19.93 -11.79 -12.03
C GLY A 246 18.49 -11.70 -12.47
N GLU A 247 17.63 -12.55 -11.89
CA GLU A 247 16.25 -12.66 -12.31
C GLU A 247 15.39 -12.93 -11.09
N MET A 248 14.13 -12.66 -11.23
CA MET A 248 13.17 -12.87 -10.13
C MET A 248 11.96 -13.58 -10.70
N ALA A 249 11.32 -14.39 -9.86
CA ALA A 249 10.07 -15.06 -10.21
C ALA A 249 9.09 -14.82 -9.07
N LEU A 250 7.84 -14.51 -9.41
CA LEU A 250 6.76 -14.38 -8.43
C LEU A 250 5.86 -15.58 -8.64
N ILE A 251 5.62 -16.33 -7.57
CA ILE A 251 4.95 -17.62 -7.61
C ILE A 251 3.67 -17.54 -6.77
N ALA A 252 2.55 -17.88 -7.39
CA ALA A 252 1.23 -17.84 -6.76
C ALA A 252 1.08 -19.00 -5.79
N SER A 253 -0.11 -19.09 -5.19
CA SER A 253 -0.34 -20.11 -4.17
C SER A 253 -0.35 -21.51 -4.75
N ASN A 254 -0.62 -21.66 -6.04
CA ASN A 254 -0.63 -22.97 -6.70
C ASN A 254 0.68 -23.30 -7.39
N GLY A 255 1.74 -22.52 -7.13
CA GLY A 255 3.05 -22.73 -7.70
C GLY A 255 3.21 -22.25 -9.13
N ARG A 256 2.23 -21.58 -9.69
CA ARG A 256 2.31 -21.08 -11.05
C ARG A 256 2.83 -19.65 -11.06
N LEU A 257 3.37 -19.23 -12.20
CA LEU A 257 4.18 -18.03 -12.30
C LEU A 257 3.27 -16.84 -12.54
N VAL A 258 3.32 -15.87 -11.62
CA VAL A 258 2.67 -14.59 -11.81
C VAL A 258 3.58 -13.64 -12.61
N ALA A 259 4.89 -13.74 -12.40
CA ALA A 259 5.89 -12.97 -13.12
C ALA A 259 7.19 -13.75 -13.14
N TYR A 260 8.00 -13.48 -14.17
CA TYR A 260 9.23 -14.22 -14.39
C TYR A 260 10.08 -13.35 -15.32
N THR A 261 11.05 -12.64 -14.75
CA THR A 261 11.70 -11.56 -15.49
C THR A 261 12.50 -12.08 -16.67
N ARG A 262 12.87 -13.35 -16.66
N ARG A 262 12.90 -13.34 -16.66
CA ARG A 262 13.72 -13.90 -17.71
CA ARG A 262 13.72 -13.86 -17.74
C ARG A 262 12.96 -14.24 -18.99
C ARG A 262 12.92 -14.05 -19.03
N ASP A 263 11.64 -14.42 -18.93
CA ASP A 263 10.88 -14.86 -20.10
C ASP A 263 9.38 -14.72 -19.89
N ASP A 264 8.78 -13.71 -20.54
CA ASP A 264 7.35 -13.58 -20.25
CA ASP A 264 7.33 -13.46 -20.46
C ASP A 264 6.49 -14.63 -20.95
N SER A 265 7.06 -15.50 -21.78
CA SER A 265 6.30 -16.61 -22.34
C SER A 265 5.90 -17.65 -21.29
N LYS A 266 6.50 -17.61 -20.10
CA LYS A 266 6.25 -18.59 -19.06
C LYS A 266 5.15 -18.18 -18.09
N LEU A 267 4.52 -17.02 -18.28
CA LEU A 267 3.54 -16.55 -17.32
C LEU A 267 2.33 -17.48 -17.28
N GLY A 268 1.91 -17.85 -16.07
CA GLY A 268 0.84 -18.76 -15.86
C GLY A 268 1.28 -20.22 -15.80
N GLU A 269 2.37 -20.43 -16.52
CA GLU A 269 2.98 -21.90 -16.21
CA GLU A 269 2.91 -21.82 -16.48
C GLU A 269 3.38 -22.23 -15.04
N PRO A 270 3.39 -23.65 -14.56
CA PRO A 270 3.90 -24.14 -13.27
C PRO A 270 5.38 -23.80 -13.14
N ALA A 271 5.76 -23.34 -11.94
CA ALA A 271 7.19 -23.19 -11.65
C ALA A 271 7.93 -24.51 -11.89
N GLY A 272 7.26 -25.65 -11.65
CA GLY A 272 7.89 -26.96 -11.84
C GLY A 272 8.16 -27.33 -13.28
N SER A 273 7.64 -26.54 -14.21
CA SER A 273 7.93 -26.72 -15.64
C SER A 273 8.88 -25.65 -16.19
N VAL A 274 9.44 -24.80 -15.33
CA VAL A 274 10.31 -23.71 -15.76
C VAL A 274 11.59 -23.71 -14.93
N LEU A 275 11.48 -24.02 -13.64
CA LEU A 275 12.60 -23.98 -12.72
C LEU A 275 13.34 -25.31 -12.63
N ASP A 276 14.40 -25.29 -11.81
CA ASP A 276 15.36 -26.37 -11.62
C ASP A 276 14.80 -27.45 -10.70
N GLY A 277 15.31 -28.66 -10.85
CA GLY A 277 15.03 -29.67 -9.83
C GLY A 277 15.38 -29.15 -8.45
N ASN A 278 16.58 -28.60 -8.31
CA ASN A 278 17.01 -28.03 -7.04
C ASN A 278 16.09 -26.90 -6.61
N GLU A 279 15.70 -26.02 -7.55
CA GLU A 279 14.78 -24.93 -7.21
C GLU A 279 13.40 -25.46 -6.85
N VAL A 280 12.90 -26.45 -7.60
CA VAL A 280 11.57 -27.00 -7.34
C VAL A 280 11.55 -27.71 -5.98
N ASP A 281 12.64 -28.39 -5.62
CA ASP A 281 12.73 -28.97 -4.30
C ASP A 281 12.72 -27.88 -3.23
N ASN A 282 13.57 -26.86 -3.38
CA ASN A 282 13.57 -25.78 -2.41
C ASN A 282 12.20 -25.14 -2.29
N LEU A 283 11.44 -25.10 -3.38
CA LEU A 283 10.08 -24.57 -3.33
C LEU A 283 9.18 -25.42 -2.45
N LYS A 284 9.55 -26.67 -2.21
CA LYS A 284 8.82 -27.52 -1.28
C LYS A 284 9.42 -27.45 0.12
N ASN A 285 10.68 -27.03 0.24
CA ASN A 285 11.38 -26.99 1.51
C ASN A 285 11.01 -25.77 2.35
N LEU A 286 10.27 -24.82 1.77
CA LEU A 286 9.96 -23.58 2.46
C LEU A 286 9.14 -23.84 3.71
N THR A 287 9.34 -23.00 4.72
CA THR A 287 8.46 -22.93 5.87
C THR A 287 7.32 -21.97 5.52
N VAL A 288 6.49 -21.64 6.51
CA VAL A 288 5.34 -20.79 6.23
C VAL A 288 5.80 -19.42 5.75
N ASP A 289 6.60 -18.72 6.57
CA ASP A 289 7.05 -17.35 6.24
C ASP A 289 8.47 -17.18 6.78
N GLN A 290 9.46 -17.63 6.00
CA GLN A 290 10.87 -17.64 6.41
C GLN A 290 11.77 -17.89 5.21
N PRO A 291 12.85 -17.12 5.04
CA PRO A 291 13.64 -17.25 3.81
C PRO A 291 14.33 -18.61 3.73
N LEU A 292 14.49 -19.07 2.48
CA LEU A 292 15.35 -20.21 2.16
C LEU A 292 16.45 -19.75 1.20
N TYR A 293 17.71 -19.97 1.60
CA TYR A 293 18.90 -19.59 0.86
C TYR A 293 19.60 -20.84 0.33
N ASP A 294 19.97 -20.83 -0.95
CA ASP A 294 20.62 -21.99 -1.54
C ASP A 294 21.60 -21.56 -2.62
N ILE A 295 22.63 -22.36 -2.81
CA ILE A 295 23.68 -22.13 -3.80
C ILE A 295 23.61 -23.27 -4.82
N ASP A 296 23.14 -22.97 -6.02
CA ASP A 296 23.16 -23.93 -7.12
C ASP A 296 24.52 -23.91 -7.77
N ALA A 297 25.41 -24.81 -7.34
CA ALA A 297 26.76 -24.84 -7.90
C ALA A 297 26.76 -25.25 -9.37
N GLU A 298 25.81 -26.12 -9.76
CA GLU A 298 25.72 -26.55 -11.16
C GLU A 298 25.62 -25.36 -12.10
N HIS A 299 24.93 -24.30 -11.67
CA HIS A 299 24.73 -23.12 -12.49
C HIS A 299 25.41 -21.88 -11.93
N GLY A 300 26.12 -22.01 -10.81
CA GLY A 300 26.83 -20.87 -10.24
C GLY A 300 25.95 -19.68 -9.90
N HIS A 301 24.78 -19.90 -9.35
CA HIS A 301 24.04 -18.76 -8.84
C HIS A 301 23.39 -19.09 -7.51
N ILE A 302 22.99 -18.04 -6.84
CA ILE A 302 22.37 -18.10 -5.53
C ILE A 302 20.88 -18.08 -5.73
N GLU A 303 20.18 -18.89 -4.94
CA GLU A 303 18.73 -18.95 -4.93
C GLU A 303 18.26 -18.44 -3.59
N LEU A 304 17.27 -17.55 -3.61
CA LEU A 304 16.66 -17.05 -2.39
C LEU A 304 15.15 -17.07 -2.60
N PHE A 305 14.45 -17.77 -1.72
CA PHE A 305 13.00 -17.85 -1.74
C PHE A 305 12.45 -17.17 -0.50
N LEU A 306 11.56 -16.22 -0.69
CA LEU A 306 10.93 -15.49 0.41
C LEU A 306 9.42 -15.60 0.30
N PRO A 307 8.78 -16.48 1.05
CA PRO A 307 7.31 -16.49 1.08
C PRO A 307 6.80 -15.25 1.82
N PHE A 308 5.66 -14.75 1.37
CA PHE A 308 5.06 -13.58 2.03
C PHE A 308 3.54 -13.67 1.93
N THR A 309 2.85 -12.92 2.80
CA THR A 309 1.40 -12.84 2.80
C THR A 309 0.92 -11.49 2.28
N ILE A 310 -0.31 -11.46 1.79
CA ILE A 310 -0.89 -10.27 1.16
C ILE A 310 -1.92 -9.73 2.14
N ALA A 311 -1.55 -8.62 2.77
CA ALA A 311 -2.38 -7.88 3.73
C ALA A 311 -2.79 -8.84 4.85
N ASP A 312 -4.05 -8.84 5.26
CA ASP A 312 -4.56 -9.77 6.26
CA ASP A 312 -4.54 -9.78 6.25
C ASP A 312 -5.38 -10.88 5.61
N SER A 313 -5.20 -11.09 4.29
CA SER A 313 -6.01 -12.08 3.58
C SER A 313 -5.61 -13.52 3.89
N GLY A 314 -4.45 -13.74 4.51
CA GLY A 314 -3.94 -15.08 4.71
C GLY A 314 -3.39 -15.76 3.47
N VAL A 315 -3.40 -15.08 2.34
CA VAL A 315 -2.90 -15.66 1.10
C VAL A 315 -1.38 -15.51 1.03
N ARG A 316 -0.69 -16.62 0.72
CA ARG A 316 0.78 -16.67 0.78
C ARG A 316 1.36 -16.95 -0.62
N TRP A 317 2.08 -15.99 -1.22
CA TRP A 317 2.82 -16.15 -2.47
C TRP A 317 4.31 -16.16 -2.14
N THR A 318 5.16 -16.37 -3.17
CA THR A 318 6.59 -16.52 -2.95
C THR A 318 7.37 -15.73 -3.97
N LEU A 319 8.40 -15.03 -3.50
CA LEU A 319 9.34 -14.34 -4.38
C LEU A 319 10.63 -15.17 -4.45
N MET A 320 11.12 -15.38 -5.66
CA MET A 320 12.36 -16.09 -5.89
C MET A 320 13.35 -15.13 -6.50
N LEU A 321 14.54 -15.05 -5.92
CA LEU A 321 15.67 -14.31 -6.49
C LEU A 321 16.69 -15.34 -6.96
N GLN A 322 17.15 -15.20 -8.20
CA GLN A 322 18.22 -16.01 -8.77
C GLN A 322 19.31 -15.07 -9.27
N ILE A 323 20.45 -15.04 -8.58
CA ILE A 323 21.52 -14.10 -8.89
C ILE A 323 22.84 -14.84 -9.08
N PRO A 324 23.57 -14.58 -10.15
CA PRO A 324 24.91 -15.15 -10.29
C PRO A 324 25.75 -14.94 -9.04
N GLN A 325 26.48 -15.99 -8.65
CA GLN A 325 27.34 -15.92 -7.47
C GLN A 325 28.34 -14.77 -7.58
N ALA A 326 28.91 -14.58 -8.77
CA ALA A 326 29.92 -13.55 -8.95
C ALA A 326 29.36 -12.14 -8.70
N ALA A 327 28.08 -11.93 -9.00
CA ALA A 327 27.49 -10.61 -8.82
C ALA A 327 27.29 -10.31 -7.35
N VAL A 328 26.95 -11.33 -6.56
CA VAL A 328 26.70 -11.18 -5.14
C VAL A 328 28.02 -11.11 -4.36
N PHE A 329 29.01 -11.89 -4.77
CA PHE A 329 30.28 -12.05 -4.08
C PHE A 329 31.44 -11.43 -4.85
N GLY A 330 31.15 -10.53 -5.78
CA GLY A 330 32.19 -9.91 -6.57
C GLY A 330 33.27 -9.25 -5.73
N GLU A 331 32.88 -8.62 -4.62
CA GLU A 331 33.88 -7.91 -3.81
C GLU A 331 34.76 -8.88 -3.04
N LEU A 332 34.20 -10.00 -2.58
CA LEU A 332 35.01 -11.11 -2.09
C LEU A 332 35.96 -11.61 -3.16
N GLN A 333 35.45 -11.87 -4.36
CA GLN A 333 36.31 -12.28 -5.48
C GLN A 333 37.45 -11.29 -5.66
N GLN A 334 37.17 -10.01 -5.48
CA GLN A 334 38.20 -9.01 -5.70
C GLN A 334 39.21 -9.00 -4.56
N LEU A 335 38.74 -9.18 -3.33
CA LEU A 335 39.67 -9.24 -2.19
C LEU A 335 40.57 -10.46 -2.31
N GLN A 336 39.98 -11.61 -2.60
CA GLN A 336 40.76 -12.84 -2.68
C GLN A 336 41.60 -12.86 -3.94
N GLY A 337 41.09 -12.29 -5.03
CA GLY A 337 41.85 -12.20 -6.26
C GLY A 337 43.11 -11.36 -6.14
N GLU A 338 43.20 -10.54 -5.10
CA GLU A 338 44.40 -9.76 -4.84
C GLU A 338 44.67 -9.67 -3.34
N GLU B 27 51.46 -1.49 1.28
CA GLU B 27 50.81 -0.60 2.25
C GLU B 27 49.64 0.11 1.57
N LEU B 28 49.77 0.39 0.28
CA LEU B 28 48.60 0.79 -0.51
C LEU B 28 47.69 -0.40 -0.77
N VAL B 29 48.22 -1.62 -0.64
CA VAL B 29 47.37 -2.81 -0.65
C VAL B 29 46.47 -2.83 0.58
N GLN B 30 47.03 -2.50 1.73
CA GLN B 30 46.24 -2.40 2.95
C GLN B 30 45.11 -1.40 2.79
N GLN B 31 45.40 -0.24 2.21
CA GLN B 31 44.37 0.78 2.03
C GLN B 31 43.30 0.32 1.05
N ARG B 32 43.70 -0.34 -0.04
CA ARG B 32 42.73 -0.85 -1.01
C ARG B 32 41.87 -1.93 -0.39
N THR B 33 42.48 -2.81 0.42
CA THR B 33 41.73 -3.85 1.12
C THR B 33 40.78 -3.27 2.15
N GLN B 34 41.27 -2.38 3.01
CA GLN B 34 40.40 -1.76 4.00
C GLN B 34 39.27 -1.01 3.31
N GLY B 35 39.55 -0.32 2.21
CA GLY B 35 38.48 0.39 1.53
C GLY B 35 37.41 -0.54 1.00
N LEU B 36 37.80 -1.71 0.49
CA LEU B 36 36.83 -2.66 -0.02
C LEU B 36 36.01 -3.28 1.11
N LEU B 37 36.64 -3.55 2.25
CA LEU B 37 35.88 -4.06 3.39
C LEU B 37 34.87 -3.03 3.88
N GLU B 38 35.29 -1.76 3.95
CA GLU B 38 34.37 -0.70 4.37
C GLU B 38 33.21 -0.57 3.42
N LYS B 39 33.48 -0.71 2.12
CA LYS B 39 32.41 -0.69 1.12
C LYS B 39 31.38 -1.81 1.35
N VAL B 40 31.85 -3.02 1.64
CA VAL B 40 30.94 -4.13 1.89
C VAL B 40 30.06 -3.82 3.09
N ILE B 41 30.67 -3.28 4.17
CA ILE B 41 29.92 -2.88 5.35
C ILE B 41 28.92 -1.78 5.01
N ASN B 42 29.39 -0.73 4.33
CA ASN B 42 28.49 0.38 4.01
C ASN B 42 27.33 -0.07 3.14
N GLU B 43 27.58 -1.01 2.20
CA GLU B 43 26.51 -1.48 1.32
C GLU B 43 25.44 -2.25 2.07
N ARG B 44 25.86 -3.04 3.07
CA ARG B 44 24.87 -3.70 3.91
C ARG B 44 24.00 -2.67 4.62
N LEU B 45 24.61 -1.61 5.15
CA LEU B 45 23.79 -0.65 5.89
C LEU B 45 22.83 0.07 4.97
N VAL B 46 23.27 0.38 3.75
CA VAL B 46 22.37 1.03 2.80
C VAL B 46 21.21 0.11 2.47
N ALA B 47 21.48 -1.17 2.25
CA ALA B 47 20.38 -2.07 1.90
C ALA B 47 19.41 -2.21 3.06
N LEU B 48 19.92 -2.29 4.29
CA LEU B 48 19.03 -2.31 5.46
C LEU B 48 18.16 -1.07 5.52
N ALA B 49 18.76 0.11 5.28
CA ALA B 49 17.99 1.35 5.25
C ALA B 49 16.89 1.30 4.18
N ARG B 50 17.22 0.87 2.97
CA ARG B 50 16.21 0.83 1.92
C ARG B 50 15.09 -0.13 2.28
N ALA B 51 15.39 -1.19 3.00
CA ALA B 51 14.34 -2.12 3.38
C ALA B 51 13.37 -1.44 4.34
N GLN B 52 13.85 -0.61 5.29
CA GLN B 52 12.91 0.05 6.19
C GLN B 52 12.03 1.03 5.42
N VAL B 53 12.61 1.77 4.48
CA VAL B 53 11.85 2.70 3.66
C VAL B 53 10.76 1.97 2.88
N SER B 54 11.11 0.83 2.28
CA SER B 54 10.14 0.11 1.45
CA SER B 54 10.15 0.09 1.45
C SER B 54 9.00 -0.43 2.31
N GLN B 55 9.30 -0.91 3.52
CA GLN B 55 8.26 -1.36 4.42
C GLN B 55 7.36 -0.20 4.84
N ILE B 56 7.95 0.94 5.19
CA ILE B 56 7.14 2.10 5.57
C ILE B 56 6.23 2.50 4.41
N GLN B 57 6.73 2.49 3.18
CA GLN B 57 5.89 2.90 2.04
C GLN B 57 4.76 1.90 1.84
N ARG B 58 5.02 0.62 2.08
CA ARG B 58 3.95 -0.37 1.93
C ARG B 58 2.81 -0.06 2.89
N GLU B 59 3.14 0.20 4.17
CA GLU B 59 2.08 0.40 5.15
CA GLU B 59 2.09 0.40 5.16
C GLU B 59 1.34 1.71 4.93
N LEU B 60 2.04 2.76 4.51
CA LEU B 60 1.42 4.09 4.43
C LEU B 60 0.68 4.32 3.12
N GLU B 61 0.73 3.37 2.16
CA GLU B 61 -0.17 3.47 1.02
C GLU B 61 -1.62 3.26 1.46
N TYR B 62 -1.81 2.44 2.49
CA TYR B 62 -3.14 2.00 2.89
C TYR B 62 -4.09 3.13 3.20
N PRO B 63 -3.76 4.09 4.07
CA PRO B 63 -4.72 5.19 4.29
C PRO B 63 -4.99 6.01 3.03
N LEU B 64 -4.00 6.22 2.15
CA LEU B 64 -4.22 6.97 0.93
C LEU B 64 -5.25 6.24 0.05
N THR B 65 -5.12 4.93 -0.10
CA THR B 65 -6.08 4.20 -0.91
C THR B 65 -7.49 4.32 -0.34
N VAL B 66 -7.62 4.22 1.00
CA VAL B 66 -8.95 4.36 1.59
C VAL B 66 -9.56 5.72 1.23
N VAL B 67 -8.82 6.81 1.48
CA VAL B 67 -9.43 8.13 1.27
C VAL B 67 -9.53 8.47 -0.21
N HIS B 68 -8.65 7.91 -1.07
CA HIS B 68 -8.87 8.05 -2.50
C HIS B 68 -10.23 7.44 -2.88
N GLY B 69 -10.59 6.30 -2.29
CA GLY B 69 -11.89 5.72 -2.62
C GLY B 69 -13.03 6.65 -2.27
N LEU B 70 -12.95 7.28 -1.08
CA LEU B 70 -14.02 8.20 -0.69
C LEU B 70 -14.08 9.43 -1.59
N ALA B 71 -12.91 9.97 -1.96
CA ALA B 71 -12.90 11.11 -2.86
C ALA B 71 -13.45 10.75 -4.24
N ASN B 72 -13.09 9.57 -4.74
CA ASN B 72 -13.53 9.16 -6.07
C ASN B 72 -15.03 8.87 -6.11
N SER B 73 -15.63 8.48 -4.99
CA SER B 73 -17.09 8.42 -4.91
C SER B 73 -17.71 9.80 -4.79
N THR B 74 -17.20 10.63 -3.88
CA THR B 74 -17.87 11.90 -3.59
C THR B 74 -17.81 12.86 -4.78
N ARG B 75 -16.72 12.87 -5.54
CA ARG B 75 -16.64 13.80 -6.67
C ARG B 75 -17.74 13.55 -7.69
N LEU B 76 -18.37 12.37 -7.67
CA LEU B 76 -19.44 12.10 -8.62
C LEU B 76 -20.65 12.98 -8.37
N LEU B 77 -20.73 13.59 -7.18
CA LEU B 77 -21.80 14.56 -6.92
C LEU B 77 -21.77 15.71 -7.92
N GLY B 78 -20.59 16.03 -8.48
CA GLY B 78 -20.45 17.18 -9.36
C GLY B 78 -20.06 16.85 -10.78
N GLU B 79 -19.80 15.58 -11.08
CA GLU B 79 -19.39 15.17 -12.43
C GLU B 79 -20.60 14.64 -13.18
N PRO B 80 -20.97 15.24 -14.31
CA PRO B 80 -22.20 14.82 -14.99
C PRO B 80 -21.98 13.53 -15.78
N GLY B 81 -23.09 12.86 -16.04
CA GLY B 81 -23.12 11.73 -16.94
C GLY B 81 -23.40 12.19 -18.36
N ALA B 82 -23.80 11.23 -19.19
CA ALA B 82 -24.18 11.56 -20.56
C ALA B 82 -25.51 12.31 -20.59
N ASP B 83 -26.44 11.94 -19.71
CA ASP B 83 -27.70 12.67 -19.61
C ASP B 83 -27.51 14.11 -19.17
N GLY B 84 -26.29 14.51 -18.82
CA GLY B 84 -26.00 15.84 -18.38
C GLY B 84 -26.17 16.07 -16.88
N MET B 85 -26.72 15.08 -16.14
CA MET B 85 -27.07 15.14 -14.73
C MET B 85 -25.98 14.45 -13.90
N PRO B 86 -25.81 14.82 -12.63
CA PRO B 86 -24.69 14.25 -11.85
C PRO B 86 -24.77 12.73 -11.80
N GLN B 87 -23.59 12.10 -11.71
CA GLN B 87 -23.50 10.66 -11.70
C GLN B 87 -23.88 10.04 -10.36
N LEU B 88 -23.81 10.81 -9.28
CA LEU B 88 -24.22 10.35 -7.96
C LEU B 88 -25.15 11.39 -7.38
N ASN B 89 -26.38 10.98 -7.05
CA ASN B 89 -27.36 11.88 -6.45
CA ASN B 89 -27.34 11.89 -6.44
C ASN B 89 -27.56 11.52 -4.98
N ALA B 90 -26.50 11.59 -4.18
CA ALA B 90 -26.53 11.19 -2.80
C ALA B 90 -26.72 12.41 -1.90
N SER B 91 -27.39 12.19 -0.77
CA SER B 91 -27.57 13.24 0.25
C SER B 91 -26.34 13.36 1.13
N ARG B 92 -26.27 14.47 1.92
CA ARG B 92 -25.22 14.57 2.92
C ARG B 92 -25.24 13.38 3.87
N ASP B 93 -26.43 12.93 4.29
CA ASP B 93 -26.55 11.76 5.15
C ASP B 93 -25.89 10.51 4.52
N GLU B 94 -26.05 10.36 3.21
CA GLU B 94 -25.47 9.21 2.54
C GLU B 94 -23.93 9.29 2.46
N ILE B 95 -23.41 10.48 2.17
CA ILE B 95 -21.95 10.67 2.19
C ILE B 95 -21.42 10.38 3.59
N SER B 96 -22.09 10.93 4.61
CA SER B 96 -21.70 10.63 5.98
C SER B 96 -21.75 9.16 6.30
N ALA B 97 -22.76 8.44 5.78
CA ALA B 97 -22.79 6.99 6.00
C ALA B 97 -21.54 6.31 5.43
N LEU B 98 -21.05 6.77 4.27
CA LEU B 98 -19.82 6.21 3.71
C LEU B 98 -18.65 6.47 4.64
N LEU B 99 -18.60 7.68 5.24
CA LEU B 99 -17.51 7.98 6.17
C LEU B 99 -17.62 7.14 7.42
N ARG B 100 -18.83 7.03 7.98
CA ARG B 100 -19.07 6.19 9.14
CA ARG B 100 -19.07 6.19 9.15
C ARG B 100 -18.70 4.73 8.85
N SER B 101 -19.03 4.24 7.67
CA SER B 101 -18.71 2.85 7.38
C SER B 101 -17.20 2.65 7.28
N THR B 102 -16.49 3.65 6.78
CA THR B 102 -15.03 3.57 6.73
C THR B 102 -14.46 3.37 8.13
N VAL B 103 -14.89 4.17 9.09
CA VAL B 103 -14.40 3.99 10.46
C VAL B 103 -14.77 2.59 10.98
N GLN B 104 -16.02 2.20 10.82
CA GLN B 104 -16.46 0.92 11.36
C GLN B 104 -15.62 -0.22 10.81
N ASN B 105 -15.24 -0.16 9.54
CA ASN B 105 -14.65 -1.30 8.86
C ASN B 105 -13.16 -1.19 8.62
N ASN B 106 -12.50 -0.19 9.22
CA ASN B 106 -11.05 -0.05 9.15
C ASN B 106 -10.56 0.22 10.56
N PRO B 107 -10.43 -0.84 11.38
CA PRO B 107 -10.05 -0.63 12.79
C PRO B 107 -8.75 0.12 12.98
N LYS B 108 -7.83 0.03 12.02
CA LYS B 108 -6.52 0.65 12.15
C LYS B 108 -6.59 2.16 12.01
N LEU B 109 -7.62 2.68 11.34
CA LEU B 109 -7.77 4.13 11.18
C LEU B 109 -8.40 4.70 12.43
N LEU B 110 -7.82 5.79 12.92
CA LEU B 110 -8.36 6.42 14.11
C LEU B 110 -9.69 7.12 13.83
N ASP B 111 -9.88 7.59 12.62
CA ASP B 111 -11.01 8.45 12.29
C ASP B 111 -11.10 8.53 10.77
N THR B 112 -12.12 9.22 10.29
CA THR B 112 -12.26 9.57 8.90
C THR B 112 -13.03 10.89 8.87
N PHE B 113 -12.59 11.86 8.06
CA PHE B 113 -13.19 13.19 8.11
C PHE B 113 -13.23 13.73 6.70
N MET B 114 -14.20 14.62 6.47
CA MET B 114 -14.32 15.24 5.17
C MET B 114 -14.76 16.68 5.36
N ALA B 115 -14.32 17.55 4.44
CA ALA B 115 -14.74 18.95 4.48
C ALA B 115 -14.96 19.41 3.07
N TRP B 116 -16.09 20.09 2.84
CA TRP B 116 -16.36 20.71 1.56
C TRP B 116 -16.07 22.20 1.59
N GLU B 117 -15.71 22.74 0.43
CA GLU B 117 -15.70 24.20 0.25
C GLU B 117 -17.10 24.73 0.52
N PRO B 118 -17.23 26.00 0.89
CA PRO B 118 -18.56 26.59 1.01
C PRO B 118 -19.35 26.45 -0.28
N ASN B 119 -20.56 25.90 -0.14
CA ASN B 119 -21.49 25.69 -1.26
C ASN B 119 -20.90 24.84 -2.38
N ALA B 120 -20.03 23.90 -2.03
CA ALA B 120 -19.33 23.10 -3.04
C ALA B 120 -20.28 22.22 -3.84
N PHE B 121 -21.22 21.57 -3.16
CA PHE B 121 -22.13 20.67 -3.87
C PHE B 121 -23.61 20.96 -3.61
N ASP B 122 -23.93 21.87 -2.70
CA ASP B 122 -25.29 22.33 -2.44
C ASP B 122 -25.19 23.73 -1.86
N THR B 123 -26.31 24.25 -1.38
CA THR B 123 -26.36 25.57 -0.74
C THR B 123 -26.26 25.38 0.77
N ASP B 124 -25.11 25.73 1.34
CA ASP B 124 -24.86 25.51 2.77
C ASP B 124 -25.99 26.09 3.64
N ALA B 125 -26.52 27.24 3.24
CA ALA B 125 -27.47 27.96 4.09
C ALA B 125 -28.68 27.12 4.41
N ALA B 126 -29.04 26.17 3.53
CA ALA B 126 -30.19 25.32 3.76
C ALA B 126 -29.97 24.35 4.90
N PHE B 127 -28.72 24.20 5.34
CA PHE B 127 -28.32 23.28 6.40
C PHE B 127 -27.75 24.00 7.61
N ALA B 128 -28.01 25.28 7.73
CA ALA B 128 -27.44 26.08 8.83
C ALA B 128 -28.07 25.69 10.17
N GLY B 129 -27.29 25.84 11.24
CA GLY B 129 -27.83 25.71 12.58
C GLY B 129 -27.98 24.29 13.08
N GLN B 130 -27.22 23.34 12.52
CA GLN B 130 -27.34 21.92 12.86
C GLN B 130 -25.95 21.31 13.04
N PRO B 131 -25.17 21.79 14.02
CA PRO B 131 -23.82 21.19 14.24
C PRO B 131 -23.81 19.68 14.60
N GLY B 132 -24.89 19.14 15.21
CA GLY B 132 -24.91 17.72 15.54
C GLY B 132 -24.78 16.74 14.37
N LYS B 133 -24.73 17.24 13.14
CA LYS B 133 -24.60 16.41 11.94
C LYS B 133 -23.23 16.56 11.31
N GLY B 134 -22.34 17.29 11.94
CA GLY B 134 -21.02 17.53 11.40
C GLY B 134 -20.96 18.74 10.51
N TYR B 135 -21.95 19.63 10.61
CA TYR B 135 -21.96 20.84 9.80
C TYR B 135 -21.44 22.01 10.62
N GLY B 136 -20.90 23.00 9.90
CA GLY B 136 -20.60 24.30 10.49
C GLY B 136 -21.88 25.05 10.80
N PRO B 137 -21.77 26.15 11.55
CA PRO B 137 -22.99 26.87 11.95
C PRO B 137 -23.75 27.43 10.77
N ASP B 138 -23.08 27.76 9.68
CA ASP B 138 -23.78 28.30 8.50
C ASP B 138 -24.00 27.21 7.43
N GLY B 139 -23.81 25.96 7.82
CA GLY B 139 -24.18 24.83 6.98
C GLY B 139 -23.05 24.17 6.23
N ARG B 140 -21.83 24.68 6.33
CA ARG B 140 -20.71 24.02 5.66
C ARG B 140 -20.57 22.56 6.10
N TYR B 141 -20.30 21.66 5.15
CA TYR B 141 -20.17 20.24 5.43
C TYR B 141 -18.79 19.92 5.98
N LEU B 142 -18.74 19.54 7.27
CA LEU B 142 -17.45 19.41 7.93
C LEU B 142 -17.34 18.21 8.88
N PRO B 143 -17.84 17.03 8.51
CA PRO B 143 -17.90 15.94 9.48
C PRO B 143 -16.55 15.31 9.80
N TRP B 144 -16.38 15.04 11.09
CA TRP B 144 -15.24 14.28 11.61
C TRP B 144 -15.83 13.08 12.38
N TRP B 145 -15.62 11.87 11.83
CA TRP B 145 -16.15 10.63 12.41
C TRP B 145 -15.04 9.87 13.13
N TYR B 146 -15.29 9.51 14.38
CA TYR B 146 -14.36 8.72 15.18
C TYR B 146 -15.17 7.79 16.07
N ARG B 147 -14.49 7.04 16.92
CA ARG B 147 -15.14 6.04 17.76
C ARG B 147 -15.29 6.58 19.18
N GLY B 148 -16.48 6.47 19.72
CA GLY B 148 -16.70 6.74 21.13
C GLY B 148 -16.09 5.67 21.99
N ALA B 149 -16.31 5.81 23.31
CA ALA B 149 -15.70 4.91 24.28
C ALA B 149 -16.11 3.46 24.04
N ASP B 150 -17.36 3.23 23.60
CA ASP B 150 -17.82 1.88 23.32
C ASP B 150 -17.51 1.40 21.91
N GLY B 151 -16.73 2.16 21.15
CA GLY B 151 -16.34 1.77 19.81
C GLY B 151 -17.29 2.14 18.69
N LYS B 152 -18.50 2.65 19.01
CA LYS B 152 -19.45 3.04 17.98
CA LYS B 152 -19.45 3.04 17.98
C LYS B 152 -19.08 4.40 17.41
N PRO B 153 -19.14 4.59 16.08
CA PRO B 153 -18.76 5.89 15.51
C PRO B 153 -19.68 7.02 15.94
N ILE B 154 -19.09 8.20 16.08
CA ILE B 154 -19.82 9.42 16.38
C ILE B 154 -19.19 10.54 15.57
N VAL B 155 -19.94 11.61 15.38
CA VAL B 155 -19.46 12.67 14.49
C VAL B 155 -19.37 13.99 15.24
N GLU B 156 -18.42 14.82 14.83
CA GLU B 156 -18.28 16.21 15.28
C GLU B 156 -17.97 17.07 14.07
N ALA B 157 -18.46 18.30 14.08
CA ALA B 157 -18.13 19.26 13.03
C ALA B 157 -16.72 19.83 13.25
N MET B 158 -15.98 20.05 12.15
CA MET B 158 -14.65 20.63 12.23
C MET B 158 -14.66 22.17 12.10
N ALA B 159 -15.72 22.82 12.57
CA ALA B 159 -15.88 24.26 12.34
C ALA B 159 -14.79 25.05 13.06
N ASP B 160 -14.33 24.57 14.19
CA ASP B 160 -13.33 25.27 14.99
C ASP B 160 -11.94 25.14 14.43
N SER B 161 -11.69 24.20 13.53
CA SER B 161 -10.36 24.01 12.99
C SER B 161 -10.24 24.32 11.50
N ILE B 162 -11.32 24.23 10.73
CA ILE B 162 -11.19 24.19 9.26
C ILE B 162 -10.59 25.47 8.70
N ASP B 163 -10.81 26.60 9.37
CA ASP B 163 -10.34 27.90 8.88
C ASP B 163 -9.16 28.41 9.66
N SER B 164 -8.59 27.61 10.56
CA SER B 164 -7.58 28.11 11.50
C SER B 164 -6.17 27.84 10.98
N GLU B 165 -5.39 28.90 10.79
CA GLU B 165 -3.97 28.78 10.49
C GLU B 165 -3.10 28.98 11.73
N LYS B 166 -3.68 28.80 12.91
CA LYS B 166 -2.91 28.71 14.14
C LYS B 166 -1.81 27.66 14.01
N LEU B 167 -0.59 28.02 14.42
CA LEU B 167 0.52 27.07 14.34
C LEU B 167 0.50 26.08 15.50
N LEU B 168 0.59 24.81 15.18
CA LEU B 168 0.83 23.79 16.19
C LEU B 168 2.32 23.74 16.50
N PRO B 169 2.70 23.09 17.61
CA PRO B 169 4.14 22.93 17.89
C PRO B 169 4.92 22.33 16.73
N THR B 170 4.28 21.44 15.95
CA THR B 170 4.97 20.75 14.88
C THR B 170 5.25 21.63 13.67
N GLY B 171 4.91 22.91 13.72
CA GLY B 171 5.16 23.79 12.60
C GLY B 171 4.14 23.74 11.49
N VAL B 172 3.01 23.10 11.70
CA VAL B 172 1.96 23.04 10.69
C VAL B 172 0.77 23.85 11.18
N ARG B 173 -0.07 24.25 10.25
CA ARG B 173 -1.31 24.91 10.59
C ARG B 173 -2.31 23.91 11.15
N GLU B 174 -3.16 24.43 12.05
CA GLU B 174 -4.26 23.63 12.57
C GLU B 174 -5.13 23.06 11.46
N ASN B 175 -5.26 23.77 10.33
CA ASN B 175 -6.02 23.28 9.20
C ASN B 175 -5.17 22.74 8.06
N GLU B 176 -3.92 22.35 8.33
CA GLU B 176 -3.03 21.90 7.25
C GLU B 176 -3.64 20.74 6.47
N PHE B 177 -4.34 19.85 7.18
CA PHE B 177 -4.97 18.69 6.56
C PHE B 177 -5.89 19.06 5.40
N TYR B 178 -6.44 20.28 5.42
CA TYR B 178 -7.29 20.81 4.36
C TYR B 178 -6.59 21.83 3.49
N ALA B 179 -5.84 22.75 4.10
CA ALA B 179 -5.19 23.79 3.34
C ALA B 179 -4.12 23.23 2.38
N CYS B 180 -3.43 22.17 2.80
CA CYS B 180 -2.39 21.64 1.93
C CYS B 180 -2.99 21.02 0.68
N PRO B 181 -4.03 20.16 0.76
CA PRO B 181 -4.66 19.69 -0.49
C PRO B 181 -5.29 20.80 -1.31
N LYS B 182 -5.91 21.81 -0.67
CA LYS B 182 -6.42 22.96 -1.41
C LYS B 182 -5.34 23.68 -2.19
N GLU B 183 -4.16 23.88 -1.58
CA GLU B 183 -3.12 24.67 -2.23
C GLU B 183 -2.39 23.87 -3.30
N ASN B 184 -2.23 22.56 -3.09
CA ASN B 184 -1.38 21.78 -3.98
C ASN B 184 -2.18 20.87 -4.90
N LYS B 185 -3.45 20.66 -4.60
CA LYS B 185 -4.37 19.85 -5.45
C LYS B 185 -3.79 18.46 -5.71
N ARG B 186 -3.25 17.87 -4.65
CA ARG B 186 -2.74 16.51 -4.66
C ARG B 186 -2.72 16.01 -3.23
N PRO B 187 -2.44 14.72 -3.03
CA PRO B 187 -2.49 14.16 -1.67
C PRO B 187 -1.46 14.80 -0.73
N CYS B 188 -1.79 14.83 0.56
CA CYS B 188 -1.00 15.48 1.58
C CYS B 188 -0.95 14.57 2.78
N ILE B 189 0.24 14.30 3.25
CA ILE B 189 0.49 13.58 4.50
C ILE B 189 1.11 14.55 5.48
N ILE B 190 0.41 14.84 6.56
CA ILE B 190 0.83 15.92 7.46
C ILE B 190 1.82 15.37 8.48
N ASP B 191 2.87 16.14 8.77
CA ASP B 191 3.85 15.66 9.73
C ASP B 191 3.16 15.27 11.03
N PRO B 192 3.63 14.25 11.71
CA PRO B 192 2.87 13.68 12.83
C PRO B 192 2.86 14.56 14.04
N ALA B 193 1.84 14.37 14.86
CA ALA B 193 1.66 15.01 16.14
C ALA B 193 1.52 13.96 17.23
N PRO B 194 2.00 14.25 18.45
CA PRO B 194 1.84 13.31 19.57
C PRO B 194 0.38 13.15 19.95
N TYR B 195 0.04 11.93 20.40
CA TYR B 195 -1.33 11.54 20.69
C TYR B 195 -1.27 10.44 21.75
N GLU B 196 -2.17 10.49 22.73
CA GLU B 196 -2.14 9.51 23.82
CA GLU B 196 -2.19 9.54 23.84
C GLU B 196 -2.96 8.29 23.44
N MET B 197 -2.32 7.13 23.46
CA MET B 197 -2.94 5.87 23.09
C MET B 197 -2.48 4.82 24.08
N GLY B 198 -3.42 4.30 24.87
CA GLY B 198 -3.12 3.25 25.83
C GLY B 198 -2.13 3.68 26.88
N GLY B 199 -2.31 4.87 27.44
CA GLY B 199 -1.36 5.38 28.43
C GLY B 199 0.03 5.61 27.90
N LYS B 200 0.18 5.76 26.59
CA LYS B 200 1.47 6.05 25.97
CA LYS B 200 1.46 6.01 25.92
C LYS B 200 1.28 7.15 24.94
N THR B 201 2.37 7.84 24.61
CA THR B 201 2.32 8.87 23.58
C THR B 201 2.82 8.28 22.27
N VAL B 202 1.98 8.33 21.24
CA VAL B 202 2.35 7.84 19.91
C VAL B 202 2.28 8.99 18.92
N MET B 203 2.98 8.81 17.81
CA MET B 203 2.96 9.76 16.71
CA MET B 203 2.92 9.78 16.72
C MET B 203 1.80 9.43 15.75
N MET B 204 1.06 10.44 15.34
CA MET B 204 -0.14 10.29 14.51
CA MET B 204 -0.02 10.18 14.42
C MET B 204 -0.05 11.25 13.34
N SER B 205 -0.28 10.78 12.11
CA SER B 205 -0.35 11.64 10.94
C SER B 205 -1.72 11.51 10.31
N SER B 206 -2.13 12.56 9.61
CA SER B 206 -3.31 12.47 8.75
C SER B 206 -2.89 12.27 7.29
N PHE B 207 -3.73 11.56 6.56
CA PHE B 207 -3.53 11.21 5.16
C PHE B 207 -4.72 11.77 4.38
N ASN B 208 -4.47 12.72 3.49
CA ASN B 208 -5.52 13.59 2.93
C ASN B 208 -5.45 13.64 1.40
N VAL B 209 -6.60 13.67 0.76
CA VAL B 209 -6.65 13.81 -0.69
CA VAL B 209 -6.73 13.71 -0.69
C VAL B 209 -7.73 14.80 -1.05
N PRO B 210 -7.50 15.57 -2.13
CA PRO B 210 -8.50 16.55 -2.58
C PRO B 210 -9.64 15.86 -3.30
N ILE B 211 -10.81 16.48 -3.20
CA ILE B 211 -12.00 16.13 -3.94
C ILE B 211 -12.06 17.10 -5.12
N MET B 212 -11.65 16.60 -6.27
CA MET B 212 -11.45 17.41 -7.47
C MET B 212 -12.62 17.18 -8.42
N VAL B 213 -13.24 18.25 -8.90
CA VAL B 213 -14.24 18.17 -9.97
C VAL B 213 -13.68 18.98 -11.14
N GLY B 214 -13.32 18.30 -12.23
CA GLY B 214 -12.58 18.98 -13.29
C GLY B 214 -11.30 19.53 -12.71
N ASP B 215 -11.05 20.82 -12.94
N ASP B 215 -11.05 20.81 -12.94
CA ASP B 215 -9.87 21.49 -12.38
CA ASP B 215 -9.88 21.49 -12.39
C ASP B 215 -10.16 22.13 -11.03
C ASP B 215 -10.15 22.10 -11.02
N GLN B 216 -11.34 21.91 -10.47
CA GLN B 216 -11.79 22.64 -9.28
C GLN B 216 -11.60 21.83 -8.02
N PHE B 217 -10.98 22.46 -7.01
CA PHE B 217 -10.97 21.90 -5.66
C PHE B 217 -12.33 22.13 -5.02
N ARG B 218 -12.98 21.04 -4.58
CA ARG B 218 -14.29 21.14 -3.93
C ARG B 218 -14.23 20.79 -2.45
N GLY B 219 -13.13 20.25 -1.97
CA GLY B 219 -13.09 19.75 -0.61
C GLY B 219 -11.94 18.76 -0.51
N ALA B 220 -11.86 18.13 0.64
CA ALA B 220 -10.82 17.16 0.93
C ALA B 220 -11.34 16.14 1.93
N VAL B 221 -10.73 14.96 1.90
CA VAL B 221 -11.12 13.88 2.80
C VAL B 221 -9.83 13.22 3.29
N GLY B 222 -9.82 12.86 4.57
CA GLY B 222 -8.64 12.31 5.18
C GLY B 222 -8.94 11.33 6.28
N ALA B 223 -7.87 10.70 6.74
CA ALA B 223 -7.95 9.79 7.89
C ALA B 223 -6.64 9.86 8.65
N ASP B 224 -6.72 9.69 9.96
CA ASP B 224 -5.56 9.63 10.83
C ASP B 224 -5.13 8.19 11.07
N LEU B 225 -3.83 7.94 11.04
CA LEU B 225 -3.25 6.63 11.28
C LEU B 225 -2.11 6.77 12.27
N SER B 226 -2.08 5.89 13.28
CA SER B 226 -0.93 5.83 14.18
C SER B 226 0.35 5.38 13.47
N LEU B 227 1.47 6.02 13.82
CA LEU B 227 2.77 5.68 13.27
C LEU B 227 3.61 4.91 14.28
N ALA B 228 2.98 4.38 15.33
CA ALA B 228 3.68 3.60 16.33
C ALA B 228 4.33 2.37 15.71
N PHE B 229 3.75 1.83 14.63
CA PHE B 229 4.36 0.64 14.04
C PHE B 229 5.75 0.92 13.51
N ILE B 230 6.05 2.17 13.15
CA ILE B 230 7.38 2.50 12.66
C ILE B 230 8.42 2.41 13.78
N GLN B 231 8.09 2.96 14.95
CA GLN B 231 8.96 2.81 16.11
C GLN B 231 9.25 1.35 16.37
N ASP B 232 8.23 0.51 16.30
CA ASP B 232 8.44 -0.91 16.57
C ASP B 232 9.31 -1.56 15.49
N LEU B 233 9.00 -1.25 14.22
N LEU B 233 9.08 -1.22 14.22
CA LEU B 233 9.80 -1.75 13.10
CA LEU B 233 9.85 -1.89 13.17
C LEU B 233 11.27 -1.41 13.25
C LEU B 233 11.29 -1.39 13.08
N LEU B 234 11.56 -0.15 13.48
CA LEU B 234 12.95 0.31 13.54
C LEU B 234 13.65 -0.22 14.78
N LYS B 235 12.94 -0.38 15.89
CA LYS B 235 13.56 -1.00 17.06
C LYS B 235 13.98 -2.43 16.77
N ARG B 236 13.10 -3.21 16.12
CA ARG B 236 13.46 -4.57 15.75
C ARG B 236 14.64 -4.59 14.78
N ALA B 237 14.62 -3.73 13.77
CA ALA B 237 15.71 -3.72 12.80
C ALA B 237 17.02 -3.29 13.43
N ASP B 238 16.96 -2.33 14.38
CA ASP B 238 18.17 -1.87 15.03
C ASP B 238 18.84 -2.95 15.85
N GLN B 239 18.12 -3.99 16.22
CA GLN B 239 18.74 -5.09 16.95
C GLN B 239 19.57 -6.02 16.06
N GLN B 240 19.36 -5.99 14.75
CA GLN B 240 20.05 -6.94 13.87
C GLN B 240 21.53 -6.68 13.80
N LEU B 241 21.94 -5.42 13.96
CA LEU B 241 23.29 -4.97 13.70
C LEU B 241 23.97 -4.55 14.99
N TYR B 242 25.20 -5.01 15.20
CA TYR B 242 26.07 -4.52 16.27
C TYR B 242 25.39 -4.66 17.62
N ASP B 243 24.66 -5.77 17.81
CA ASP B 243 23.99 -6.06 19.06
C ASP B 243 23.13 -4.88 19.54
N GLY B 244 22.64 -4.07 18.59
CA GLY B 244 21.80 -2.93 18.91
C GLY B 244 22.52 -1.67 19.37
N ALA B 245 23.82 -1.58 19.14
CA ALA B 245 24.62 -0.44 19.60
C ALA B 245 24.33 0.83 18.81
N GLY B 246 23.74 0.73 17.64
CA GLY B 246 23.36 1.90 16.87
C GLY B 246 21.99 2.44 17.26
N GLU B 247 21.64 3.56 16.63
CA GLU B 247 20.33 4.16 16.71
C GLU B 247 19.75 4.26 15.30
N MET B 248 18.43 4.11 15.19
CA MET B 248 17.73 4.51 13.99
C MET B 248 16.67 5.57 14.29
N ALA B 249 16.49 6.48 13.36
CA ALA B 249 15.53 7.57 13.51
C ALA B 249 14.83 7.78 12.17
N LEU B 250 13.61 8.28 12.25
CA LEU B 250 12.88 8.81 11.11
C LEU B 250 12.60 10.28 11.41
N ILE B 251 13.04 11.18 10.55
CA ILE B 251 12.93 12.60 10.76
C ILE B 251 11.96 13.18 9.75
N ALA B 252 10.93 13.88 10.24
CA ALA B 252 9.98 14.57 9.38
C ALA B 252 10.61 15.81 8.78
N SER B 253 9.86 16.46 7.86
CA SER B 253 10.40 17.63 7.19
C SER B 253 10.54 18.81 8.13
N ASN B 254 9.75 18.84 9.20
CA ASN B 254 9.90 19.87 10.23
C ASN B 254 11.09 19.61 11.15
N GLY B 255 11.85 18.54 10.91
CA GLY B 255 13.00 18.25 11.73
C GLY B 255 12.72 17.44 12.98
N ARG B 256 11.47 17.05 13.22
CA ARG B 256 11.12 16.34 14.43
C ARG B 256 11.14 14.82 14.24
N LEU B 257 11.29 14.11 15.36
CA LEU B 257 11.45 12.66 15.36
C LEU B 257 10.10 11.95 15.25
N VAL B 258 9.89 11.30 14.10
CA VAL B 258 8.75 10.41 13.94
C VAL B 258 9.01 9.07 14.66
N ALA B 259 10.26 8.63 14.67
CA ALA B 259 10.69 7.45 15.39
C ALA B 259 12.13 7.65 15.81
N TYR B 260 12.50 6.97 16.89
CA TYR B 260 13.84 7.12 17.45
C TYR B 260 14.05 5.93 18.37
N THR B 261 14.87 4.98 17.92
CA THR B 261 14.93 3.70 18.61
C THR B 261 15.52 3.79 19.99
N ARG B 262 16.34 4.82 20.27
CA ARG B 262 16.98 4.86 21.57
C ARG B 262 16.01 5.12 22.71
N ASP B 263 14.91 5.85 22.45
CA ASP B 263 14.08 6.36 23.55
C ASP B 263 12.72 6.79 23.03
N ASP B 264 11.68 6.01 23.36
CA ASP B 264 10.31 6.40 23.04
C ASP B 264 9.99 7.82 23.52
N SER B 265 10.61 8.24 24.61
CA SER B 265 10.25 9.53 25.18
C SER B 265 10.65 10.69 24.25
N LYS B 266 11.55 10.45 23.32
CA LYS B 266 11.97 11.50 22.41
C LYS B 266 11.06 11.72 21.21
N LEU B 267 10.05 10.87 21.04
CA LEU B 267 9.22 11.02 19.83
C LEU B 267 8.62 12.41 19.81
N GLY B 268 8.60 13.02 18.63
CA GLY B 268 8.05 14.35 18.45
C GLY B 268 9.00 15.49 18.83
N GLU B 269 10.17 15.19 19.34
CA GLU B 269 11.13 16.23 19.71
C GLU B 269 11.98 16.59 18.51
N PRO B 270 12.56 17.80 18.50
CA PRO B 270 13.46 18.15 17.40
C PRO B 270 14.63 17.19 17.34
N ALA B 271 14.97 16.75 16.12
CA ALA B 271 16.06 15.78 15.94
C ALA B 271 17.41 16.38 16.33
N GLY B 272 17.56 17.69 16.18
CA GLY B 272 18.77 18.38 16.65
C GLY B 272 19.06 18.18 18.11
N SER B 273 18.10 17.67 18.88
CA SER B 273 18.35 17.37 20.29
C SER B 273 19.10 16.06 20.48
N VAL B 274 19.22 15.24 19.42
CA VAL B 274 19.92 13.96 19.49
C VAL B 274 20.96 13.87 18.37
N LEU B 275 21.16 14.95 17.62
CA LEU B 275 21.96 14.91 16.40
C LEU B 275 22.49 16.32 16.14
N ASP B 276 23.75 16.41 15.72
CA ASP B 276 24.36 17.68 15.33
C ASP B 276 23.36 18.56 14.60
N GLY B 277 23.28 19.83 15.02
CA GLY B 277 22.26 20.71 14.49
C GLY B 277 22.41 21.01 13.01
N ASN B 278 23.65 21.17 12.55
CA ASN B 278 23.86 21.50 11.14
C ASN B 278 23.51 20.33 10.23
N GLU B 279 23.74 19.09 10.68
CA GLU B 279 23.26 17.93 9.93
C GLU B 279 21.76 18.02 9.71
N VAL B 280 21.00 18.37 10.75
CA VAL B 280 19.56 18.49 10.62
C VAL B 280 19.20 19.61 9.65
N ASP B 281 19.92 20.74 9.73
CA ASP B 281 19.70 21.83 8.78
C ASP B 281 19.98 21.39 7.36
N ASN B 282 20.88 20.43 7.16
CA ASN B 282 21.28 19.96 5.84
C ASN B 282 20.22 19.08 5.19
N LEU B 283 19.23 18.59 5.95
CA LEU B 283 18.30 17.60 5.41
C LEU B 283 17.51 18.15 4.22
N LYS B 284 17.19 19.45 4.24
CA LYS B 284 16.45 20.08 3.16
CA LYS B 284 16.43 20.06 3.16
C LYS B 284 17.14 19.97 1.81
N ASN B 285 18.46 19.77 1.82
CA ASN B 285 19.24 19.75 0.60
C ASN B 285 19.42 18.35 0.03
N LEU B 286 18.99 17.32 0.75
CA LEU B 286 19.21 15.95 0.29
C LEU B 286 18.28 15.63 -0.87
N THR B 287 18.65 14.59 -1.60
CA THR B 287 17.91 14.13 -2.77
C THR B 287 17.17 12.84 -2.45
N VAL B 288 15.89 12.78 -2.84
CA VAL B 288 15.06 11.62 -2.55
CA VAL B 288 15.08 11.61 -2.51
C VAL B 288 15.71 10.35 -3.09
N ASP B 289 15.69 9.29 -2.28
CA ASP B 289 16.22 7.96 -2.57
C ASP B 289 17.73 7.91 -2.75
N GLN B 290 18.46 9.00 -2.45
CA GLN B 290 19.91 9.01 -2.55
C GLN B 290 20.51 8.85 -1.16
N PRO B 291 21.18 7.74 -0.85
CA PRO B 291 21.85 7.64 0.45
C PRO B 291 23.04 8.59 0.56
N LEU B 292 23.31 8.99 1.80
CA LEU B 292 24.45 9.86 2.08
C LEU B 292 25.07 9.47 3.41
N TYR B 293 26.36 9.11 3.39
CA TYR B 293 27.12 8.87 4.61
C TYR B 293 27.73 10.17 5.13
N ASP B 294 27.77 10.31 6.45
CA ASP B 294 28.54 11.34 7.12
C ASP B 294 29.34 10.69 8.24
N ILE B 295 30.66 10.73 8.14
CA ILE B 295 31.54 10.26 9.21
C ILE B 295 31.87 11.46 10.09
N ASP B 296 31.25 11.51 11.27
CA ASP B 296 31.52 12.54 12.27
C ASP B 296 32.54 11.97 13.24
N ALA B 297 33.82 12.15 12.90
CA ALA B 297 34.89 11.59 13.72
C ALA B 297 35.01 12.31 15.07
N GLU B 298 34.64 13.59 15.13
CA GLU B 298 34.64 14.31 16.40
C GLU B 298 33.81 13.60 17.46
N HIS B 299 32.59 13.20 17.10
CA HIS B 299 31.65 12.61 18.02
C HIS B 299 31.62 11.09 17.96
N GLY B 300 32.54 10.48 17.24
CA GLY B 300 32.68 9.03 17.27
C GLY B 300 31.49 8.27 16.74
N HIS B 301 30.78 8.79 15.75
CA HIS B 301 29.67 8.06 15.15
CA HIS B 301 29.63 8.10 15.16
C HIS B 301 29.67 8.28 13.64
N ILE B 302 29.25 7.25 12.93
CA ILE B 302 29.00 7.34 11.50
C ILE B 302 27.49 7.40 11.31
N GLU B 303 27.04 8.21 10.37
CA GLU B 303 25.61 8.37 10.12
C GLU B 303 25.32 8.12 8.66
N LEU B 304 24.22 7.42 8.41
CA LEU B 304 23.69 7.21 7.08
C LEU B 304 22.30 7.83 7.02
N PHE B 305 22.10 8.70 6.05
CA PHE B 305 20.83 9.36 5.79
C PHE B 305 20.23 8.83 4.50
N LEU B 306 18.92 8.59 4.52
CA LEU B 306 18.21 8.10 3.33
C LEU B 306 16.87 8.84 3.24
N PRO B 307 16.80 9.89 2.42
CA PRO B 307 15.52 10.58 2.23
C PRO B 307 14.60 9.73 1.39
N PHE B 308 13.30 9.91 1.61
CA PHE B 308 12.28 9.21 0.83
C PHE B 308 10.96 10.00 0.83
N THR B 309 10.08 9.60 -0.09
CA THR B 309 8.73 10.16 -0.18
C THR B 309 7.72 9.01 -0.14
N ILE B 310 6.45 9.37 -0.13
CA ILE B 310 5.35 8.41 -0.11
C ILE B 310 4.41 8.75 -1.26
N ALA B 311 4.26 7.83 -2.20
CA ALA B 311 3.30 7.96 -3.31
C ALA B 311 3.53 9.32 -3.98
N ASP B 312 2.48 10.06 -4.28
CA ASP B 312 2.54 11.36 -4.91
C ASP B 312 2.25 12.46 -3.91
N SER B 313 2.43 12.18 -2.62
CA SER B 313 2.12 13.14 -1.57
C SER B 313 3.16 14.28 -1.50
N GLY B 314 4.34 14.09 -2.07
CA GLY B 314 5.40 15.10 -1.94
C GLY B 314 6.03 15.18 -0.57
N VAL B 315 5.77 14.20 0.29
CA VAL B 315 6.42 14.12 1.60
C VAL B 315 7.93 14.06 1.44
N ARG B 316 8.64 14.71 2.37
CA ARG B 316 10.11 14.71 2.43
CA ARG B 316 10.10 14.68 2.43
C ARG B 316 10.49 14.23 3.83
N TRP B 317 10.71 12.93 3.99
CA TRP B 317 11.06 12.35 5.29
C TRP B 317 12.45 11.75 5.14
N THR B 318 13.17 11.62 6.26
CA THR B 318 14.54 11.10 6.19
C THR B 318 14.75 10.03 7.23
N LEU B 319 15.15 8.85 6.78
CA LEU B 319 15.63 7.81 7.67
C LEU B 319 17.11 8.05 7.99
N MET B 320 17.50 7.79 9.24
CA MET B 320 18.86 8.00 9.72
C MET B 320 19.32 6.79 10.50
N LEU B 321 20.45 6.23 10.11
CA LEU B 321 21.09 5.14 10.85
C LEU B 321 22.40 5.68 11.41
N GLN B 322 22.58 5.59 12.73
CA GLN B 322 23.78 6.05 13.41
C GLN B 322 24.45 4.86 14.07
N ILE B 323 25.74 4.68 13.79
CA ILE B 323 26.53 3.58 14.31
C ILE B 323 27.74 4.16 15.04
N PRO B 324 28.08 3.69 16.22
CA PRO B 324 29.33 4.15 16.85
C PRO B 324 30.54 3.69 16.05
N GLN B 325 31.54 4.57 15.96
CA GLN B 325 32.75 4.21 15.21
C GLN B 325 33.43 3.01 15.82
N ALA B 326 33.36 2.86 17.15
CA ALA B 326 34.03 1.73 17.79
C ALA B 326 33.45 0.39 17.33
N ALA B 327 32.13 0.34 17.09
CA ALA B 327 31.52 -0.89 16.61
C ALA B 327 32.00 -1.25 15.20
N VAL B 328 32.09 -0.24 14.33
CA VAL B 328 32.53 -0.47 12.96
C VAL B 328 34.01 -0.83 12.92
N PHE B 329 34.84 -0.12 13.69
N PHE B 329 34.83 -0.10 13.67
CA PHE B 329 36.26 -0.42 13.70
CA PHE B 329 36.26 -0.39 13.75
C PHE B 329 36.50 -1.82 14.22
C PHE B 329 36.47 -1.83 14.20
N GLY B 330 35.77 -2.23 15.27
CA GLY B 330 35.91 -3.59 15.75
C GLY B 330 35.54 -4.62 14.70
N GLU B 331 34.49 -4.34 13.92
CA GLU B 331 34.11 -5.25 12.86
C GLU B 331 35.17 -5.31 11.76
N LEU B 332 35.71 -4.16 11.36
CA LEU B 332 36.76 -4.14 10.36
C LEU B 332 37.97 -4.97 10.79
N GLN B 333 38.32 -4.92 12.07
CA GLN B 333 39.45 -5.71 12.56
C GLN B 333 39.15 -7.18 12.45
N GLN B 334 37.90 -7.58 12.73
CA GLN B 334 37.54 -8.98 12.57
C GLN B 334 37.60 -9.41 11.11
N LEU B 335 37.11 -8.57 10.20
CA LEU B 335 37.15 -8.92 8.78
C LEU B 335 38.60 -9.00 8.27
N GLN B 336 39.45 -8.07 8.68
CA GLN B 336 40.86 -8.17 8.31
C GLN B 336 41.50 -9.41 8.94
N GLY B 337 41.15 -9.70 10.19
CA GLY B 337 41.65 -10.91 10.81
C GLY B 337 41.29 -12.17 10.04
N GLU B 338 40.07 -12.22 9.50
CA GLU B 338 39.67 -13.38 8.70
C GLU B 338 40.45 -13.44 7.39
N LEU B 339 40.72 -12.28 6.79
CA LEU B 339 41.52 -12.24 5.58
C LEU B 339 42.95 -12.69 5.85
N SER B 340 43.54 -12.17 6.93
CA SER B 340 44.89 -12.57 7.30
C SER B 340 44.97 -14.08 7.47
N ASP B 341 43.98 -14.68 8.15
CA ASP B 341 43.99 -16.10 8.43
C ASP B 341 43.76 -16.95 7.20
N GLN B 342 43.35 -16.35 6.08
CA GLN B 342 43.12 -17.08 4.84
C GLN B 342 44.43 -17.60 4.25
C1 PGE C . -1.85 3.82 -6.61
O1 PGE C . -0.92 4.58 -7.33
C2 PGE C . -1.14 2.82 -5.73
O2 PGE C . -0.27 2.05 -6.48
C3 PGE C . 0.46 1.19 -5.65
C4 PGE C . 1.32 0.31 -6.49
O4 PGE C . 3.77 1.80 -9.74
C6 PGE C . 4.13 0.96 -8.67
C5 PGE C . 2.92 0.23 -8.17
O3 PGE C . 2.16 1.05 -7.29
H1 PGE C . -2.51 3.25 -7.29
H12 PGE C . -2.47 4.45 -5.97
HO1 PGE C . -1.40 5.25 -7.83
H2 PGE C . -1.89 2.20 -5.23
H22 PGE C . -0.60 3.38 -4.94
H3 PGE C . -0.21 0.57 -5.03
H32 PGE C . 1.11 1.77 -4.96
H4 PGE C . 1.90 -0.36 -5.82
H42 PGE C . 0.66 -0.33 -7.11
HO4 PGE C . 4.58 2.26 -10.05
H6 PGE C . 4.56 1.52 -7.83
H62 PGE C . 4.88 0.21 -8.98
H5 PGE C . 2.31 -0.07 -9.04
H52 PGE C . 3.25 -0.69 -7.67
N1 ACH D . -13.28 -11.54 -14.03
C2 ACH D . -14.34 -12.48 -14.08
C3 ACH D . -15.39 -12.18 -15.12
O4 ACH D . -14.98 -12.73 -16.34
C5 ACH D . -15.97 -12.82 -17.33
O7 ACH D . -17.07 -12.42 -17.12
C6 ACH D . -15.61 -13.42 -18.69
C8 ACH D . -12.40 -11.94 -12.89
C9 ACH D . -12.48 -11.50 -15.23
C10 ACH D . -13.77 -10.16 -13.79
H21 ACH D . -14.78 -12.50 -13.21
H22 ACH D . -13.97 -13.35 -14.26
H31 ACH D . -15.48 -11.22 -15.22
H32 ACH D . -16.24 -12.56 -14.86
H61 ACH D . -16.40 -13.45 -19.26
H62 ACH D . -15.27 -14.33 -18.58
H63 ACH D . -14.93 -12.88 -19.11
H81 ACH D . -12.90 -11.88 -12.06
H82 ACH D . -11.64 -11.34 -12.84
H83 ACH D . -12.10 -12.85 -13.02
H91 ACH D . -13.04 -11.21 -15.99
H92 ACH D . -12.14 -12.38 -15.42
H93 ACH D . -11.75 -10.87 -15.11
H101 ACH D . -13.04 -9.61 -13.45
H102 ACH D . -14.48 -10.17 -13.13
H103 ACH D . -14.10 -9.78 -14.62
CA CA E . 19.25 -22.91 -9.53
C1 PGE F . -4.66 -3.29 6.46
O1 PGE F . -4.39 -4.11 7.61
C2 PGE F . -3.37 -2.65 6.01
O2 PGE F . -2.68 -2.06 7.12
C3 PGE F . -1.59 -1.24 6.75
C4 PGE F . -1.24 -0.27 7.87
O4 PGE F . -0.27 -2.08 11.51
C6 PGE F . 0.58 -1.13 10.87
C5 PGE F . -0.27 -0.21 10.03
O3 PGE F . -0.88 -1.00 9.01
H1 PGE F . -5.38 -2.49 6.68
H12 PGE F . -5.05 -3.89 5.63
HO1 PGE F . -5.18 -4.65 7.77
H2 PGE F . -2.74 -3.41 5.53
H22 PGE F . -3.60 -1.88 5.26
H3 PGE F . -1.83 -0.67 5.84
H32 PGE F . -0.70 -1.86 6.54
H4 PGE F . -0.41 0.39 7.53
H42 PGE F . -2.10 0.38 8.07
HO4 PGE F . 0.30 -2.66 12.04
H6 PGE F . 1.32 -1.62 10.21
H62 PGE F . 1.14 -0.52 11.60
H5 PGE F . 0.35 0.59 9.60
H52 PGE F . -1.03 0.27 10.66
C1 PGE G . -25.88 10.50 8.72
O1 PGE G . -25.69 9.12 8.38
C2 PGE G . -25.66 10.70 10.20
O2 PGE G . -25.23 12.02 10.53
C3 PGE G . -25.43 12.43 11.88
C4 PGE G . -25.35 11.28 12.87
O4 PGE G . -23.05 11.31 16.54
C6 PGE G . -23.43 10.32 15.56
C5 PGE G . -24.84 10.57 15.04
O3 PGE G . -24.88 11.68 14.15
H1 PGE G . -26.90 10.84 8.48
H12 PGE G . -25.18 11.16 8.18
HO1 PGE G . -26.04 8.98 7.49
H2 PGE G . -24.91 9.96 10.54
H22 PGE G . -26.61 10.48 10.73
H3 PGE G . -24.67 13.18 12.17
H32 PGE G . -26.42 12.91 11.99
H4 PGE G . -24.68 10.51 12.44
H42 PGE G . -26.35 10.83 12.95
HO4 PGE G . -22.36 10.93 17.09
H6 PGE G . -22.75 10.35 14.69
H62 PGE G . -23.40 9.31 15.98
H5 PGE G . -25.50 10.77 15.92
H52 PGE G . -25.20 9.66 14.55
C1 PEG H . -28.16 7.31 10.09
O1 PEG H . -29.48 7.60 9.63
C2 PEG H . -27.99 5.85 10.32
O2 PEG H . -26.66 5.58 10.76
C3 PEG H . -26.64 4.67 11.86
C4 PEG H . -26.71 5.46 13.14
O4 PEG H . -26.48 4.63 14.26
H11 PEG H . -27.52 7.62 9.43
H12 PEG H . -28.01 7.79 10.92
HO1 PEG H . -29.63 8.43 9.53
H21 PEG H . -28.61 5.55 10.99
H22 PEG H . -28.15 5.38 9.49
H31 PEG H . -27.40 4.07 11.80
H32 PEG H . -25.83 4.16 11.84
H41 PEG H . -27.60 5.85 13.22
H42 PEG H . -26.04 6.15 13.12
HO4 PEG H . -26.58 5.01 15.00
C1 PGE I . 5.91 21.84 -1.94
O1 PGE I . 5.42 20.79 -2.76
C2 PGE I . 4.90 22.11 -0.83
O2 PGE I . 4.51 20.88 -0.25
C3 PGE I . 4.13 21.00 1.12
C4 PGE I . 3.06 19.98 1.42
O4 PGE I . 2.27 15.84 1.70
C6 PGE I . 3.43 16.43 2.31
C5 PGE I . 3.16 17.90 2.53
O3 PGE I . 3.59 18.65 1.40
H1 PGE I . 6.86 21.58 -1.47
H12 PGE I . 6.06 22.77 -2.51
HO1 PGE I . 5.98 20.73 -3.54
H2 PGE I . 4.04 22.65 -1.27
H22 PGE I . 5.37 22.78 -0.08
H3 PGE I . 3.74 22.00 1.34
H32 PGE I . 4.99 20.82 1.78
H4 PGE I . 2.63 20.19 2.41
H42 PGE I . 2.26 20.08 0.66
HO4 PGE I . 2.48 14.91 1.51
H6 PGE I . 3.66 15.96 3.27
H62 PGE I . 4.31 16.32 1.66
H5 PGE I . 3.70 18.22 3.45
H52 PGE I . 2.08 18.04 2.72
N1 ACH J . -8.31 16.11 12.33
N1 ACH J . -8.28 16.12 12.41
C2 ACH J . -8.47 17.57 12.30
C2 ACH J . -8.08 15.54 13.73
C3 ACH J . -8.85 18.24 13.63
C3 ACH J . -6.65 15.68 14.28
O4 ACH J . -10.25 18.22 13.81
O4 ACH J . -6.62 15.41 15.65
C5 ACH J . -10.74 19.28 14.60
C5 ACH J . -6.51 14.06 16.02
O7 ACH J . -11.71 19.86 14.25
O7 ACH J . -5.79 13.32 15.41
C6 ACH J . -10.04 19.66 15.90
C6 ACH J . -7.31 13.53 17.21
C8 ACH J . -9.60 15.48 12.10
C8 ACH J . -9.39 15.44 11.78
C9 ACH J . -7.40 15.73 11.26
C9 ACH J . -8.64 17.54 12.51
C10 ACH J . -7.75 15.60 13.57
C10 ACH J . -7.10 15.99 11.54
H21 ACH J . -9.16 17.78 11.65
H21 ACH J . -8.29 14.59 13.69
H22 ACH J . -7.62 17.95 12.02
H22 ACH J . -8.68 15.99 14.35
H31 ACH J . -8.43 17.76 14.35
H31 ACH J . -6.33 16.59 14.12
H32 ACH J . -8.55 19.16 13.62
H32 ACH J . -6.07 15.05 13.82
H61 ACH J . -10.04 18.91 16.50
H61 ACH J . -7.96 12.88 16.88
H62 ACH J . -9.12 19.93 15.70
H62 ACH J . -6.71 13.09 17.83
H63 ACH J . -10.50 20.41 16.30
H63 ACH J . -7.77 14.25 17.64
H81 ACH J . -9.47 14.52 12.00
H81 ACH J . -9.14 14.51 11.61
H82 ACH J . -9.99 15.83 11.28
H82 ACH J . -9.61 15.87 10.94
H83 ACH J . -10.18 15.66 12.84
H83 ACH J . -10.16 15.46 12.36
H91 ACH J . -6.53 16.14 11.41
H91 ACH J . -9.49 17.61 12.97
H92 ACH J . -7.32 14.77 11.24
H92 ACH J . -7.95 18.00 13.03
H93 ACH J . -7.76 16.03 10.40
H93 ACH J . -8.71 17.92 11.64
H101 ACH J . -7.02 16.17 13.86
H101 ACH J . -7.32 16.31 10.65
H102 ACH J . -8.44 15.60 14.26
H102 ACH J . -6.38 16.52 11.90
H103 ACH J . -7.44 14.69 13.44
H103 ACH J . -6.85 15.06 11.51
#